data_6C97
#
_entry.id   6C97
#
_cell.length_a   42.100
_cell.length_b   76.250
_cell.length_c   140.150
_cell.angle_alpha   90.00
_cell.angle_beta   93.75
_cell.angle_gamma   90.00
#
_symmetry.space_group_name_H-M   'P 1 21 1'
#
loop_
_entity.id
_entity.type
_entity.pdbx_description
1 polymer 'IgG receptor FcRn large subunit p51'
2 polymer Beta-2-microglobulin
3 non-polymer GLYCEROL
4 water water
#
loop_
_entity_poly.entity_id
_entity_poly.type
_entity_poly.pdbx_seq_one_letter_code
_entity_poly.pdbx_strand_id
1 'polypeptide(L)'
;AESHLSLLYHLTAVSSPAPGTPAFWVSGWLGPQQYLSYNSLRGEAEPCGAWVWENQVSWYWEKETTDLRIKEKLFLEAFK
ALGGKGPYTLQGLLGCELGPDNTSVPTAKFALNGEEFMNFDLKQGTWGGDWPEALAISQRWQQQDKAANKELTFLLFSCP
HRLREHLERGRGNLEWKEPPSMRLKARPSSPGFSVLTCSAFSFYPPELQLRFLRNGLAAGTGQGDFGPNSDGSFHASSSL
TVKSGDEHHYCCIVQHAGLAQPLRVELESPAKSS
;
A,C
2 'polypeptide(L)'
;IQRTPKIQVYSRHPAENGKSNFLNCYVSGFHPSDIEVDLLKNGERIEKVEHSDLSFSKDWSFYLLYYTEFTPTEKDEYAC
RVNHVTLSQPKIVKWDRDM
;
B,D
#
loop_
_chem_comp.id
_chem_comp.type
_chem_comp.name
_chem_comp.formula
GOL non-polymer GLYCEROL 'C3 H8 O3'
#
# COMPACT_ATOMS: atom_id res chain seq x y z
N HIS A 4 12.38 0.00 20.70
CA HIS A 4 11.88 0.85 19.63
C HIS A 4 12.62 0.56 18.30
N LEU A 5 12.40 1.42 17.30
CA LEU A 5 12.77 1.14 15.93
C LEU A 5 14.25 1.43 15.67
N SER A 6 14.90 0.56 14.92
CA SER A 6 16.32 0.70 14.61
C SER A 6 16.52 1.21 13.19
N LEU A 7 17.49 2.09 13.02
CA LEU A 7 18.03 2.41 11.71
C LEU A 7 19.34 1.65 11.59
N LEU A 8 19.44 0.74 10.60
CA LEU A 8 20.63 -0.08 10.46
C LEU A 8 21.09 -0.10 9.00
N TYR A 9 22.37 0.11 8.81
CA TYR A 9 22.99 -0.03 7.49
C TYR A 9 23.65 -1.39 7.42
N HIS A 10 23.39 -2.11 6.32
CA HIS A 10 24.04 -3.40 6.06
C HIS A 10 25.03 -3.16 4.94
N LEU A 11 26.32 -3.20 5.25
CA LEU A 11 27.38 -2.87 4.32
C LEU A 11 28.11 -4.15 3.95
N THR A 12 28.42 -4.30 2.65
CA THR A 12 29.21 -5.44 2.19
C THR A 12 30.22 -4.96 1.16
N ALA A 13 31.46 -5.42 1.29
CA ALA A 13 32.45 -5.33 0.22
C ALA A 13 32.92 -6.74 -0.10
N VAL A 14 33.24 -6.98 -1.38
CA VAL A 14 33.88 -8.23 -1.78
C VAL A 14 35.14 -7.87 -2.52
N SER A 15 36.17 -8.73 -2.40
CA SER A 15 37.47 -8.38 -2.97
C SER A 15 37.55 -8.72 -4.45
N SER A 16 36.69 -9.59 -4.96
CA SER A 16 36.66 -9.92 -6.38
C SER A 16 35.21 -10.06 -6.81
N PRO A 17 34.52 -8.92 -6.99
CA PRO A 17 33.12 -8.97 -7.43
C PRO A 17 33.01 -9.59 -8.82
N ALA A 18 31.92 -10.32 -9.04
CA ALA A 18 31.64 -10.84 -10.36
C ALA A 18 31.47 -9.66 -11.33
N PRO A 19 31.84 -9.83 -12.60
CA PRO A 19 31.74 -8.72 -13.56
C PRO A 19 30.33 -8.17 -13.64
N GLY A 20 30.23 -6.84 -13.71
CA GLY A 20 28.94 -6.19 -13.69
C GLY A 20 28.32 -6.03 -12.32
N THR A 21 28.92 -6.59 -11.26
CA THR A 21 28.37 -6.44 -9.91
C THR A 21 29.25 -5.50 -9.06
N PRO A 22 28.67 -4.84 -8.05
CA PRO A 22 29.45 -3.86 -7.28
C PRO A 22 30.43 -4.50 -6.32
N ALA A 23 31.59 -3.87 -6.19
CA ALA A 23 32.51 -4.31 -5.16
C ALA A 23 32.00 -3.96 -3.78
N PHE A 24 31.09 -2.99 -3.67
CA PHE A 24 30.63 -2.51 -2.37
C PHE A 24 29.19 -2.04 -2.50
N TRP A 25 28.32 -2.45 -1.58
CA TRP A 25 26.93 -2.02 -1.65
C TRP A 25 26.33 -1.99 -0.25
N VAL A 26 25.28 -1.19 -0.10
CA VAL A 26 24.69 -0.93 1.21
C VAL A 26 23.18 -0.98 1.08
N SER A 27 22.50 -1.53 2.10
CA SER A 27 21.07 -1.34 2.23
C SER A 27 20.82 -0.76 3.61
N GLY A 28 19.88 0.18 3.68
CA GLY A 28 19.53 0.83 4.94
C GLY A 28 18.10 0.48 5.29
N TRP A 29 17.87 0.24 6.59
CA TRP A 29 16.63 -0.34 7.09
C TRP A 29 16.11 0.48 8.26
N LEU A 30 14.81 0.76 8.26
CA LEU A 30 14.08 1.32 9.39
C LEU A 30 13.23 0.18 9.90
N GLY A 31 13.63 -0.41 11.03
CA GLY A 31 13.06 -1.67 11.44
C GLY A 31 13.13 -2.66 10.27
N PRO A 32 12.03 -3.33 9.97
CA PRO A 32 12.04 -4.38 8.94
C PRO A 32 11.85 -3.89 7.51
N GLN A 33 11.82 -2.59 7.22
CA GLN A 33 11.64 -2.15 5.83
C GLN A 33 12.84 -1.35 5.36
N GLN A 34 13.17 -1.55 4.10
CA GLN A 34 14.34 -0.93 3.51
C GLN A 34 13.97 0.48 3.06
N TYR A 35 14.80 1.46 3.42
CA TYR A 35 14.58 2.82 2.96
C TYR A 35 15.67 3.33 2.04
N LEU A 36 16.83 2.65 2.00
CA LEU A 36 18.00 3.15 1.30
C LEU A 36 18.71 2.05 0.54
N SER A 37 19.19 2.41 -0.64
CA SER A 37 20.08 1.56 -1.42
CA SER A 37 20.10 1.55 -1.39
C SER A 37 21.31 2.38 -1.82
N TYR A 38 22.46 1.71 -1.91
CA TYR A 38 23.71 2.30 -2.38
C TYR A 38 24.61 1.20 -2.93
N ASN A 39 25.25 1.47 -4.07
CA ASN A 39 26.30 0.59 -4.55
C ASN A 39 27.39 1.40 -5.23
N SER A 40 28.59 0.81 -5.25
CA SER A 40 29.78 1.48 -5.75
C SER A 40 29.77 1.64 -7.27
N LEU A 41 28.88 0.97 -7.99
CA LEU A 41 28.82 1.17 -9.44
C LEU A 41 28.02 2.41 -9.80
N ARG A 42 26.91 2.64 -9.09
CA ARG A 42 26.14 3.86 -9.27
C ARG A 42 26.73 5.01 -8.45
N GLY A 43 27.21 4.71 -7.24
CA GLY A 43 27.86 5.72 -6.43
C GLY A 43 26.95 6.76 -5.84
N GLU A 44 25.64 6.50 -5.79
CA GLU A 44 24.64 7.43 -5.25
C GLU A 44 23.72 6.68 -4.31
N ALA A 45 23.47 7.25 -3.14
CA ALA A 45 22.48 6.68 -2.24
C ALA A 45 21.10 7.04 -2.74
N GLU A 46 20.18 6.06 -2.76
CA GLU A 46 18.84 6.29 -3.28
C GLU A 46 17.79 5.79 -2.31
N PRO A 47 16.61 6.42 -2.29
CA PRO A 47 15.49 5.89 -1.48
C PRO A 47 14.85 4.67 -2.12
N CYS A 48 14.16 3.89 -1.27
CA CYS A 48 13.47 2.67 -1.69
C CYS A 48 11.99 2.75 -1.34
N GLY A 49 11.17 2.12 -2.17
CA GLY A 49 9.77 1.94 -1.85
C GLY A 49 9.08 3.26 -1.57
N ALA A 50 8.28 3.28 -0.50
CA ALA A 50 7.52 4.48 -0.18
C ALA A 50 8.41 5.64 0.24
N TRP A 51 9.65 5.37 0.65
CA TRP A 51 10.55 6.45 1.07
C TRP A 51 10.97 7.34 -0.08
N VAL A 52 10.76 6.89 -1.33
CA VAL A 52 10.90 7.76 -2.49
C VAL A 52 9.99 8.99 -2.38
N TRP A 53 8.84 8.85 -1.74
CA TRP A 53 7.89 9.97 -1.67
C TRP A 53 7.98 10.72 -0.36
N GLU A 54 8.92 10.36 0.50
CA GLU A 54 9.11 11.07 1.76
C GLU A 54 9.52 12.51 1.52
N ASN A 55 8.97 13.44 2.30
CA ASN A 55 9.41 14.82 2.27
C ASN A 55 10.67 14.96 3.11
N GLN A 56 11.79 15.25 2.48
CA GLN A 56 13.03 15.31 3.23
C GLN A 56 13.61 16.70 3.20
N VAL A 57 14.62 16.91 4.06
CA VAL A 57 15.42 18.12 3.98
C VAL A 57 16.18 18.14 2.65
N SER A 58 16.56 19.35 2.23
CA SER A 58 17.02 19.54 0.86
C SER A 58 18.30 18.77 0.55
N TRP A 59 19.12 18.48 1.56
CA TRP A 59 20.42 17.85 1.43
CA TRP A 59 20.39 17.80 1.31
C TRP A 59 20.42 16.40 1.90
N TYR A 60 19.26 15.83 2.19
CA TYR A 60 19.23 14.53 2.86
C TYR A 60 20.04 13.48 2.09
N TRP A 61 19.73 13.27 0.81
CA TRP A 61 20.28 12.13 0.10
C TRP A 61 21.72 12.37 -0.33
N GLU A 62 22.11 13.62 -0.55
CA GLU A 62 23.50 13.89 -0.84
C GLU A 62 24.39 13.61 0.37
N LYS A 63 23.89 13.84 1.60
CA LYS A 63 24.68 13.56 2.78
C LYS A 63 24.81 12.05 3.02
N GLU A 64 23.71 11.30 2.82
CA GLU A 64 23.82 9.84 2.84
C GLU A 64 24.85 9.35 1.83
N THR A 65 24.85 9.96 0.64
CA THR A 65 25.81 9.57 -0.39
C THR A 65 27.23 9.89 0.06
N THR A 66 27.44 11.10 0.58
CA THR A 66 28.75 11.48 1.11
C THR A 66 29.26 10.48 2.14
N ASP A 67 28.40 10.08 3.10
CA ASP A 67 28.87 9.19 4.15
C ASP A 67 29.20 7.81 3.59
N LEU A 68 28.38 7.33 2.66
CA LEU A 68 28.59 5.96 2.20
C LEU A 68 29.76 5.87 1.24
N ARG A 69 30.06 6.94 0.49
CA ARG A 69 31.29 6.95 -0.31
C ARG A 69 32.52 6.85 0.58
N ILE A 70 32.46 7.46 1.77
CA ILE A 70 33.57 7.37 2.71
C ILE A 70 33.71 5.94 3.23
N LYS A 71 32.59 5.29 3.57
CA LYS A 71 32.66 3.90 4.01
C LYS A 71 33.10 2.96 2.89
N GLU A 72 32.64 3.23 1.66
CA GLU A 72 33.16 2.47 0.51
C GLU A 72 34.68 2.46 0.49
N LYS A 73 35.31 3.64 0.61
CA LYS A 73 36.77 3.69 0.55
C LYS A 73 37.39 2.90 1.70
N LEU A 74 36.82 2.99 2.91
CA LEU A 74 37.36 2.27 4.05
C LEU A 74 37.31 0.76 3.84
N PHE A 75 36.13 0.26 3.44
CA PHE A 75 35.97 -1.18 3.25
C PHE A 75 36.95 -1.70 2.20
N LEU A 76 37.14 -0.95 1.12
CA LEU A 76 38.08 -1.41 0.12
C LEU A 76 39.51 -1.31 0.63
N GLU A 77 39.79 -0.34 1.50
CA GLU A 77 41.12 -0.26 2.11
C GLU A 77 41.39 -1.48 3.00
N ALA A 78 40.33 -2.07 3.54
CA ALA A 78 40.49 -3.18 4.47
C ALA A 78 41.15 -4.37 3.78
N PHE A 79 40.78 -4.63 2.53
CA PHE A 79 41.37 -5.75 1.80
C PHE A 79 42.87 -5.55 1.59
N LYS A 80 43.29 -4.31 1.32
CA LYS A 80 44.72 -4.08 1.16
C LYS A 80 45.47 -4.36 2.46
N ALA A 81 44.85 -4.07 3.60
CA ALA A 81 45.49 -4.36 4.88
C ALA A 81 45.68 -5.86 5.09
N LEU A 82 44.80 -6.69 4.53
CA LEU A 82 44.96 -8.13 4.68
C LEU A 82 45.99 -8.69 3.71
N GLY A 83 46.08 -8.11 2.49
CA GLY A 83 46.95 -8.65 1.47
C GLY A 83 46.48 -10.01 0.98
N GLY A 84 47.32 -10.63 0.17
CA GLY A 84 47.04 -11.98 -0.30
C GLY A 84 45.95 -12.07 -1.35
N LYS A 85 45.73 -13.30 -1.81
CA LYS A 85 44.86 -13.56 -2.96
C LYS A 85 43.38 -13.54 -2.62
N GLY A 86 43.01 -13.78 -1.36
CA GLY A 86 41.62 -13.82 -0.97
C GLY A 86 40.93 -15.07 -1.46
N PRO A 87 39.64 -14.97 -1.83
CA PRO A 87 38.87 -13.72 -1.80
C PRO A 87 38.36 -13.42 -0.40
N TYR A 88 37.93 -12.18 -0.16
CA TYR A 88 37.38 -11.77 1.10
C TYR A 88 35.99 -11.19 0.89
N THR A 89 35.14 -11.36 1.91
CA THR A 89 33.91 -10.62 2.09
C THR A 89 34.01 -9.90 3.43
N LEU A 90 33.80 -8.59 3.43
CA LEU A 90 33.74 -7.81 4.66
C LEU A 90 32.35 -7.22 4.79
N GLN A 91 31.71 -7.45 5.94
CA GLN A 91 30.38 -6.93 6.20
C GLN A 91 30.42 -6.04 7.45
N GLY A 92 29.58 -5.00 7.44
CA GLY A 92 29.40 -4.18 8.63
C GLY A 92 27.93 -3.99 8.92
N LEU A 93 27.60 -3.92 10.21
CA LEU A 93 26.25 -3.61 10.66
C LEU A 93 26.40 -2.37 11.53
N LEU A 94 26.01 -1.22 10.98
CA LEU A 94 26.18 0.07 11.63
C LEU A 94 24.81 0.71 11.78
N GLY A 95 24.52 1.24 12.96
CA GLY A 95 23.26 1.95 13.09
C GLY A 95 22.99 2.36 14.52
N CYS A 96 21.73 2.62 14.79
CA CYS A 96 21.35 3.09 16.11
C CYS A 96 19.88 2.77 16.34
N GLU A 97 19.48 2.82 17.60
CA GLU A 97 18.07 2.84 17.95
C GLU A 97 17.89 3.75 19.16
N LEU A 98 16.69 4.33 19.27
CA LEU A 98 16.43 5.20 20.41
C LEU A 98 16.07 4.34 21.60
N GLY A 99 16.62 4.68 22.76
CA GLY A 99 16.44 3.87 23.94
C GLY A 99 15.32 4.37 24.82
N PRO A 100 15.04 3.63 25.90
CA PRO A 100 13.87 3.95 26.75
C PRO A 100 13.81 5.39 27.22
N ASP A 101 14.97 5.99 27.50
CA ASP A 101 15.03 7.39 27.92
C ASP A 101 15.37 8.33 26.76
N ASN A 102 14.96 7.96 25.54
CA ASN A 102 15.02 8.86 24.39
C ASN A 102 16.44 9.29 24.06
N THR A 103 17.41 8.41 24.27
CA THR A 103 18.78 8.61 23.79
C THR A 103 19.11 7.53 22.77
N SER A 104 20.24 7.69 22.09
CA SER A 104 20.61 6.80 21.00
C SER A 104 21.52 5.68 21.52
N VAL A 105 21.29 4.47 21.01
CA VAL A 105 22.09 3.30 21.33
C VAL A 105 22.78 2.84 20.04
N PRO A 106 24.10 2.88 19.94
CA PRO A 106 24.78 2.55 18.68
C PRO A 106 25.06 1.06 18.52
N THR A 107 25.18 0.66 17.24
CA THR A 107 25.59 -0.67 16.83
C THR A 107 26.72 -0.53 15.82
N ALA A 108 27.83 -1.25 16.04
CA ALA A 108 28.94 -1.17 15.09
C ALA A 108 29.73 -2.49 15.16
N LYS A 109 29.35 -3.45 14.33
CA LYS A 109 29.95 -4.77 14.30
C LYS A 109 30.34 -5.09 12.87
N PHE A 110 31.34 -5.95 12.72
CA PHE A 110 31.82 -6.33 11.41
C PHE A 110 32.11 -7.83 11.39
N ALA A 111 32.06 -8.37 10.17
CA ALA A 111 32.32 -9.79 9.94
C ALA A 111 33.21 -9.95 8.71
N LEU A 112 34.09 -10.94 8.78
CA LEU A 112 35.00 -11.27 7.70
C LEU A 112 34.71 -12.70 7.26
N ASN A 113 34.41 -12.86 5.97
CA ASN A 113 34.04 -14.15 5.42
C ASN A 113 32.95 -14.83 6.25
N GLY A 114 31.95 -14.06 6.66
CA GLY A 114 30.77 -14.60 7.35
C GLY A 114 30.92 -14.76 8.85
N GLU A 115 32.05 -14.37 9.42
CA GLU A 115 32.33 -14.56 10.84
C GLU A 115 32.54 -13.22 11.51
N GLU A 116 31.79 -12.96 12.58
CA GLU A 116 31.97 -11.72 13.32
C GLU A 116 33.40 -11.64 13.83
N PHE A 117 34.04 -10.48 13.64
CA PHE A 117 35.45 -10.45 14.02
C PHE A 117 35.93 -9.09 14.52
N MET A 118 35.11 -8.04 14.36
CA MET A 118 35.56 -6.70 14.70
C MET A 118 34.37 -5.87 15.16
N ASN A 119 34.63 -4.92 16.06
CA ASN A 119 33.63 -3.92 16.38
C ASN A 119 34.32 -2.56 16.46
N PHE A 120 33.50 -1.52 16.50
CA PHE A 120 33.95 -0.18 16.84
C PHE A 120 33.51 0.16 18.26
N ASP A 121 34.47 0.55 19.09
CA ASP A 121 34.26 0.94 20.48
C ASP A 121 34.03 2.45 20.52
N LEU A 122 32.80 2.85 20.82
CA LEU A 122 32.50 4.29 20.76
C LEU A 122 33.10 5.07 21.93
N LYS A 123 33.43 4.41 23.04
CA LYS A 123 34.00 5.16 24.16
C LYS A 123 35.45 5.54 23.88
N GLN A 124 36.20 4.67 23.19
CA GLN A 124 37.59 4.92 22.84
C GLN A 124 37.75 5.48 21.44
N GLY A 125 36.76 5.29 20.57
CA GLY A 125 36.90 5.69 19.18
C GLY A 125 37.86 4.81 18.43
N THR A 126 37.84 3.51 18.70
CA THR A 126 38.78 2.58 18.09
C THR A 126 38.07 1.31 17.66
N TRP A 127 38.47 0.79 16.50
CA TRP A 127 38.08 -0.54 16.05
C TRP A 127 38.96 -1.58 16.76
N GLY A 128 38.37 -2.74 17.02
CA GLY A 128 39.19 -3.78 17.63
C GLY A 128 38.52 -5.13 17.50
N GLY A 129 39.29 -6.15 17.88
CA GLY A 129 38.88 -7.54 17.74
C GLY A 129 40.09 -8.40 18.06
N ASP A 130 39.85 -9.71 18.11
CA ASP A 130 40.91 -10.63 18.58
C ASP A 130 41.77 -11.16 17.44
N TRP A 131 41.17 -11.46 16.30
CA TRP A 131 41.89 -12.08 15.19
C TRP A 131 42.95 -11.14 14.63
N PRO A 132 44.04 -11.68 14.06
CA PRO A 132 45.03 -10.81 13.42
C PRO A 132 44.46 -10.00 12.27
N GLU A 133 43.42 -10.50 11.60
CA GLU A 133 42.76 -9.72 10.56
C GLU A 133 42.07 -8.50 11.13
N ALA A 134 41.47 -8.63 12.31
CA ALA A 134 40.88 -7.48 12.99
C ALA A 134 41.94 -6.46 13.33
N LEU A 135 43.05 -6.91 13.90
CA LEU A 135 44.12 -5.98 14.28
C LEU A 135 44.65 -5.26 13.06
N ALA A 136 44.85 -5.98 11.96
CA ALA A 136 45.38 -5.36 10.76
C ALA A 136 44.43 -4.30 10.21
N ILE A 137 43.15 -4.66 10.02
CA ILE A 137 42.20 -3.70 9.47
C ILE A 137 42.01 -2.52 10.43
N SER A 138 41.82 -2.81 11.71
N SER A 138 41.85 -2.80 11.73
CA SER A 138 41.65 -1.72 12.67
CA SER A 138 41.64 -1.73 12.68
C SER A 138 42.82 -0.75 12.65
C SER A 138 42.82 -0.75 12.69
N GLN A 139 44.05 -1.25 12.60
CA GLN A 139 45.21 -0.36 12.56
C GLN A 139 45.19 0.49 11.30
N ARG A 140 44.88 -0.12 10.15
CA ARG A 140 44.83 0.63 8.90
C ARG A 140 43.77 1.72 8.97
N TRP A 141 42.59 1.39 9.47
CA TRP A 141 41.55 2.39 9.62
C TRP A 141 41.94 3.44 10.64
N GLN A 142 42.51 3.00 11.77
CA GLN A 142 42.87 3.93 12.84
C GLN A 142 43.91 4.95 12.37
N GLN A 143 44.77 4.56 11.44
CA GLN A 143 45.83 5.44 10.96
C GLN A 143 45.35 6.41 9.88
N GLN A 144 44.12 6.27 9.41
CA GLN A 144 43.59 7.14 8.37
C GLN A 144 43.01 8.41 8.98
N ASP A 145 43.52 9.56 8.52
CA ASP A 145 43.12 10.86 9.05
C ASP A 145 41.59 11.00 9.10
N LYS A 146 41.07 11.30 10.29
CA LYS A 146 39.66 11.59 10.58
C LYS A 146 38.73 10.39 10.42
N ALA A 147 39.24 9.18 10.16
CA ALA A 147 38.34 8.04 9.95
C ALA A 147 37.57 7.72 11.22
N ALA A 148 38.27 7.59 12.35
CA ALA A 148 37.58 7.36 13.62
C ALA A 148 36.60 8.48 13.94
N ASN A 149 37.03 9.73 13.75
CA ASN A 149 36.14 10.88 14.00
C ASN A 149 34.87 10.79 13.15
N LYS A 150 34.99 10.44 11.87
CA LYS A 150 33.81 10.33 11.02
C LYS A 150 32.94 9.15 11.43
N GLU A 151 33.55 8.05 11.87
CA GLU A 151 32.79 6.92 12.38
C GLU A 151 32.01 7.30 13.63
N LEU A 152 32.65 8.04 14.53
CA LEU A 152 31.98 8.51 15.74
C LEU A 152 30.80 9.41 15.39
N THR A 153 31.03 10.43 14.56
CA THR A 153 29.95 11.33 14.15
C THR A 153 28.81 10.55 13.49
N PHE A 154 29.15 9.61 12.60
CA PHE A 154 28.14 8.83 11.90
C PHE A 154 27.20 8.14 12.88
N LEU A 155 27.77 7.50 13.90
CA LEU A 155 26.98 6.66 14.80
C LEU A 155 26.31 7.48 15.90
N LEU A 156 27.01 8.47 16.44
CA LEU A 156 26.50 9.20 17.60
C LEU A 156 25.64 10.40 17.21
N PHE A 157 25.72 10.88 15.98
CA PHE A 157 24.98 12.09 15.64
C PHE A 157 24.17 11.91 14.37
N SER A 158 24.82 11.53 13.27
CA SER A 158 24.10 11.42 12.00
C SER A 158 22.99 10.39 12.06
N CYS A 159 23.29 9.17 12.57
CA CYS A 159 22.29 8.10 12.59
CA CYS A 159 22.29 8.11 12.57
C CYS A 159 21.05 8.49 13.40
N PRO A 160 21.17 8.89 14.68
CA PRO A 160 19.94 9.22 15.41
C PRO A 160 19.21 10.40 14.81
N HIS A 161 19.92 11.35 14.20
CA HIS A 161 19.27 12.48 13.56
C HIS A 161 18.43 12.01 12.37
N ARG A 162 18.99 11.13 11.55
CA ARG A 162 18.25 10.52 10.45
C ARG A 162 17.06 9.69 10.95
N LEU A 163 17.29 8.85 11.97
CA LEU A 163 16.20 8.04 12.53
C LEU A 163 15.04 8.92 13.00
N ARG A 164 15.34 9.99 13.73
CA ARG A 164 14.29 10.87 14.21
CA ARG A 164 14.28 10.86 14.21
C ARG A 164 13.55 11.53 13.05
N GLU A 165 14.30 11.98 12.04
CA GLU A 165 13.69 12.60 10.85
C GLU A 165 12.72 11.65 10.16
N HIS A 166 13.10 10.38 10.01
CA HIS A 166 12.21 9.42 9.35
C HIS A 166 11.02 9.06 10.23
N LEU A 167 11.19 9.04 11.56
CA LEU A 167 10.07 8.82 12.46
C LEU A 167 9.05 9.94 12.35
N GLU A 168 9.52 11.15 12.05
CA GLU A 168 8.64 12.30 11.95
C GLU A 168 7.99 12.39 10.57
N ARG A 169 8.79 12.20 9.53
CA ARG A 169 8.33 12.41 8.16
C ARG A 169 7.74 11.15 7.53
N GLY A 170 8.01 9.97 8.08
CA GLY A 170 7.45 8.77 7.50
C GLY A 170 6.71 7.92 8.52
N ARG A 171 6.15 8.55 9.56
CA ARG A 171 5.50 7.79 10.62
C ARG A 171 4.45 6.83 10.07
N GLY A 172 3.65 7.29 9.12
CA GLY A 172 2.62 6.43 8.55
C GLY A 172 3.17 5.21 7.85
N ASN A 173 4.30 5.36 7.15
CA ASN A 173 4.95 4.22 6.51
C ASN A 173 5.35 3.17 7.53
N LEU A 174 5.84 3.62 8.68
CA LEU A 174 6.32 2.74 9.74
C LEU A 174 5.18 2.10 10.54
N GLU A 175 4.02 2.76 10.63
CA GLU A 175 2.87 2.22 11.35
C GLU A 175 2.00 1.31 10.49
N TRP A 176 2.39 1.10 9.24
CA TRP A 176 1.66 0.26 8.31
C TRP A 176 1.24 -1.07 8.94
N LYS A 177 -0.05 -1.39 8.85
CA LYS A 177 -0.54 -2.70 9.29
C LYS A 177 -1.41 -3.27 8.19
N GLU A 178 -0.90 -4.28 7.50
CA GLU A 178 -1.61 -4.99 6.44
C GLU A 178 -1.91 -6.42 6.92
N PRO A 179 -3.17 -6.81 7.11
CA PRO A 179 -3.44 -8.14 7.66
C PRO A 179 -3.18 -9.21 6.62
N PRO A 180 -2.80 -10.41 7.02
CA PRO A 180 -2.50 -11.46 6.04
C PRO A 180 -3.79 -12.02 5.45
N SER A 181 -3.71 -12.37 4.17
CA SER A 181 -4.70 -13.24 3.55
CA SER A 181 -4.70 -13.24 3.55
C SER A 181 -4.36 -14.68 3.90
N MET A 182 -5.34 -15.43 4.42
CA MET A 182 -5.06 -16.75 4.99
C MET A 182 -5.69 -17.87 4.17
N ARG A 183 -4.98 -19.00 4.09
CA ARG A 183 -5.47 -20.21 3.45
C ARG A 183 -4.97 -21.40 4.24
N LEU A 184 -5.82 -22.41 4.34
CA LEU A 184 -5.47 -23.67 4.98
C LEU A 184 -5.85 -24.78 4.01
N LYS A 185 -4.87 -25.60 3.66
CA LYS A 185 -5.05 -26.60 2.63
C LYS A 185 -4.29 -27.86 3.04
N ALA A 186 -4.81 -29.01 2.64
CA ALA A 186 -4.17 -30.29 2.85
C ALA A 186 -3.78 -30.92 1.52
N ARG A 187 -2.68 -31.66 1.52
CA ARG A 187 -2.24 -32.44 0.38
C ARG A 187 -1.84 -33.83 0.86
N PRO A 188 -2.00 -34.87 0.03
CA PRO A 188 -1.57 -36.20 0.44
C PRO A 188 -0.06 -36.25 0.61
N SER A 189 0.39 -37.17 1.46
CA SER A 189 1.82 -37.36 1.72
C SER A 189 2.16 -38.84 1.61
N SER A 190 3.00 -39.36 2.51
CA SER A 190 3.26 -40.79 2.52
C SER A 190 1.98 -41.54 2.91
N PRO A 191 1.91 -42.85 2.63
CA PRO A 191 0.66 -43.58 2.87
C PRO A 191 0.18 -43.45 4.31
N GLY A 192 -1.10 -43.12 4.46
CA GLY A 192 -1.71 -42.89 5.76
C GLY A 192 -1.55 -41.48 6.31
N PHE A 193 -0.96 -40.56 5.57
CA PHE A 193 -0.68 -39.23 6.11
C PHE A 193 -0.99 -38.16 5.08
N SER A 194 -1.41 -37.00 5.58
CA SER A 194 -1.52 -35.80 4.78
C SER A 194 -0.70 -34.70 5.44
N VAL A 195 -0.38 -33.68 4.66
CA VAL A 195 0.31 -32.51 5.17
C VAL A 195 -0.65 -31.34 5.08
N LEU A 196 -0.90 -30.72 6.23
CA LEU A 196 -1.77 -29.56 6.34
CA LEU A 196 -1.76 -29.56 6.36
C LEU A 196 -0.90 -28.31 6.36
N THR A 197 -1.23 -27.33 5.52
CA THR A 197 -0.45 -26.10 5.47
C THR A 197 -1.34 -24.90 5.68
N CYS A 198 -1.01 -24.10 6.70
CA CYS A 198 -1.63 -22.81 6.94
C CYS A 198 -0.70 -21.73 6.40
N SER A 199 -1.23 -20.87 5.51
CA SER A 199 -0.38 -19.93 4.80
C SER A 199 -0.92 -18.51 4.92
N ALA A 200 0.01 -17.58 5.14
CA ALA A 200 -0.32 -16.18 5.39
C ALA A 200 0.35 -15.36 4.31
N PHE A 201 -0.45 -14.59 3.54
CA PHE A 201 0.03 -13.91 2.34
C PHE A 201 0.01 -12.39 2.54
N SER A 202 1.09 -11.74 2.08
CA SER A 202 1.16 -10.29 1.92
C SER A 202 0.68 -9.57 3.19
N PHE A 203 1.49 -9.68 4.23
CA PHE A 203 1.19 -8.98 5.48
C PHE A 203 2.38 -8.12 5.90
N TYR A 204 2.08 -7.17 6.79
CA TYR A 204 3.11 -6.31 7.37
C TYR A 204 2.52 -5.79 8.68
N PRO A 205 3.30 -5.73 9.77
CA PRO A 205 4.72 -6.00 9.96
C PRO A 205 4.96 -7.50 9.98
N PRO A 206 6.23 -7.91 10.07
CA PRO A 206 6.52 -9.34 9.92
C PRO A 206 6.11 -10.18 11.11
N GLU A 207 5.91 -9.61 12.30
CA GLU A 207 5.52 -10.44 13.44
C GLU A 207 4.16 -11.08 13.20
N LEU A 208 4.11 -12.40 13.34
CA LEU A 208 2.91 -13.15 13.01
C LEU A 208 2.99 -14.47 13.75
N GLN A 209 1.85 -14.96 14.21
CA GLN A 209 1.82 -16.26 14.86
C GLN A 209 0.81 -17.13 14.14
N LEU A 210 1.20 -18.36 13.84
CA LEU A 210 0.31 -19.38 13.30
C LEU A 210 0.31 -20.54 14.27
N ARG A 211 -0.89 -21.05 14.58
CA ARG A 211 -1.06 -22.15 15.51
C ARG A 211 -2.11 -23.09 14.94
N PHE A 212 -1.94 -24.38 15.20
CA PHE A 212 -2.94 -25.37 14.82
C PHE A 212 -3.78 -25.81 16.01
N LEU A 213 -5.05 -26.11 15.74
CA LEU A 213 -5.95 -26.68 16.73
C LEU A 213 -6.54 -27.96 16.15
N ARG A 214 -6.76 -28.95 16.99
CA ARG A 214 -7.45 -30.17 16.60
C ARG A 214 -8.66 -30.32 17.51
N ASN A 215 -9.85 -30.22 16.91
CA ASN A 215 -11.10 -30.16 17.66
C ASN A 215 -11.06 -29.09 18.75
N GLY A 216 -10.52 -27.92 18.40
CA GLY A 216 -10.45 -26.81 19.34
C GLY A 216 -9.35 -26.90 20.38
N LEU A 217 -8.62 -28.00 20.45
CA LEU A 217 -7.51 -28.17 21.38
C LEU A 217 -6.18 -27.87 20.70
N ALA A 218 -5.23 -27.36 21.48
CA ALA A 218 -3.93 -26.99 20.94
C ALA A 218 -3.24 -28.19 20.28
N ALA A 219 -2.82 -28.02 19.03
CA ALA A 219 -2.17 -29.07 18.27
C ALA A 219 -0.76 -28.69 17.81
N GLY A 220 -0.21 -27.60 18.30
CA GLY A 220 1.17 -27.22 18.01
C GLY A 220 1.29 -26.11 16.98
N THR A 221 2.51 -25.61 16.86
CA THR A 221 2.81 -24.57 15.89
C THR A 221 3.01 -25.13 14.49
N GLY A 222 3.24 -26.44 14.37
CA GLY A 222 3.71 -26.95 13.12
C GLY A 222 5.13 -26.48 12.86
N GLN A 223 5.60 -26.78 11.64
CA GLN A 223 6.91 -26.39 11.17
CA GLN A 223 6.91 -26.37 11.19
C GLN A 223 6.73 -25.44 10.00
N GLY A 224 7.42 -24.32 10.01
CA GLY A 224 7.23 -23.44 8.89
C GLY A 224 8.36 -22.48 8.62
N ASP A 225 8.08 -21.52 7.74
CA ASP A 225 9.08 -20.60 7.24
C ASP A 225 8.39 -19.28 6.95
N PHE A 226 9.21 -18.28 6.74
CA PHE A 226 8.67 -16.97 6.41
CA PHE A 226 8.80 -16.88 6.61
C PHE A 226 9.68 -16.22 5.56
N GLY A 227 9.16 -15.24 4.82
CA GLY A 227 9.98 -14.56 3.84
C GLY A 227 9.28 -13.33 3.30
N PRO A 228 10.01 -12.48 2.56
CA PRO A 228 9.45 -11.25 2.00
C PRO A 228 8.81 -11.40 0.63
N ASN A 229 7.96 -10.43 0.29
CA ASN A 229 7.51 -10.19 -1.07
C ASN A 229 8.24 -8.98 -1.63
N SER A 230 8.09 -8.77 -2.95
CA SER A 230 8.89 -7.74 -3.62
C SER A 230 8.65 -6.34 -3.07
N ASP A 231 7.51 -6.08 -2.44
CA ASP A 231 7.18 -4.76 -1.93
C ASP A 231 7.55 -4.57 -0.45
N GLY A 232 8.22 -5.54 0.17
CA GLY A 232 8.58 -5.43 1.56
C GLY A 232 7.52 -5.89 2.54
N SER A 233 6.34 -6.30 2.07
CA SER A 233 5.44 -7.08 2.90
C SER A 233 6.04 -8.48 3.04
N PHE A 234 5.29 -9.38 3.68
CA PHE A 234 5.87 -10.66 4.07
C PHE A 234 4.89 -11.78 3.80
N HIS A 235 5.42 -12.99 3.93
CA HIS A 235 4.72 -14.22 3.65
C HIS A 235 5.19 -15.23 4.67
N ALA A 236 4.27 -16.11 5.08
CA ALA A 236 4.65 -17.13 6.04
C ALA A 236 3.79 -18.37 5.85
N SER A 237 4.35 -19.51 6.21
CA SER A 237 3.51 -20.70 6.25
C SER A 237 3.96 -21.59 7.39
N SER A 238 3.05 -22.46 7.79
CA SER A 238 3.38 -23.49 8.75
C SER A 238 2.57 -24.73 8.41
N SER A 239 3.19 -25.90 8.62
CA SER A 239 2.67 -27.16 8.13
C SER A 239 2.72 -28.21 9.21
N LEU A 240 1.75 -29.12 9.16
CA LEU A 240 1.55 -30.14 10.17
C LEU A 240 1.28 -31.44 9.45
N THR A 241 1.92 -32.53 9.90
CA THR A 241 1.65 -33.86 9.37
C THR A 241 0.49 -34.45 10.16
N VAL A 242 -0.55 -34.89 9.46
CA VAL A 242 -1.72 -35.43 10.14
C VAL A 242 -2.12 -36.74 9.49
N LYS A 243 -2.95 -37.51 10.19
CA LYS A 243 -3.36 -38.79 9.64
C LYS A 243 -4.37 -38.56 8.52
N SER A 244 -4.16 -39.25 7.40
CA SER A 244 -5.10 -39.25 6.28
C SER A 244 -6.51 -39.52 6.79
N GLY A 245 -7.46 -38.69 6.36
CA GLY A 245 -8.84 -38.81 6.78
C GLY A 245 -9.21 -38.01 8.01
N ASP A 246 -8.22 -37.40 8.68
CA ASP A 246 -8.44 -36.64 9.89
C ASP A 246 -8.30 -35.13 9.68
N GLU A 247 -8.08 -34.70 8.43
CA GLU A 247 -7.72 -33.32 8.15
C GLU A 247 -8.82 -32.35 8.58
N HIS A 248 -10.07 -32.75 8.40
CA HIS A 248 -11.21 -31.88 8.70
C HIS A 248 -11.35 -31.59 10.19
N HIS A 249 -10.62 -32.28 11.05
CA HIS A 249 -10.72 -31.93 12.46
C HIS A 249 -9.84 -30.74 12.84
N TYR A 250 -9.06 -30.22 11.89
CA TYR A 250 -8.05 -29.23 12.19
C TYR A 250 -8.45 -27.86 11.68
N CYS A 251 -7.99 -26.83 12.38
CA CYS A 251 -8.05 -25.48 11.87
C CYS A 251 -6.74 -24.81 12.23
N CYS A 252 -6.57 -23.58 11.78
CA CYS A 252 -5.41 -22.76 12.06
CA CYS A 252 -5.41 -22.81 12.19
C CYS A 252 -5.87 -21.43 12.63
N ILE A 253 -5.11 -20.88 13.57
CA ILE A 253 -5.38 -19.58 14.17
C ILE A 253 -4.20 -18.68 13.84
N VAL A 254 -4.48 -17.45 13.44
CA VAL A 254 -3.44 -16.49 13.13
C VAL A 254 -3.61 -15.29 14.04
N GLN A 255 -2.50 -14.82 14.59
CA GLN A 255 -2.45 -13.54 15.28
C GLN A 255 -1.55 -12.60 14.49
N HIS A 256 -2.06 -11.41 14.20
CA HIS A 256 -1.31 -10.39 13.48
C HIS A 256 -1.92 -9.03 13.76
N ALA A 257 -1.06 -8.01 13.86
CA ALA A 257 -1.47 -6.67 14.24
C ALA A 257 -2.48 -6.03 13.28
N GLY A 258 -2.56 -6.50 12.02
CA GLY A 258 -3.56 -5.95 11.12
C GLY A 258 -4.97 -6.45 11.37
N LEU A 259 -5.13 -7.42 12.27
CA LEU A 259 -6.41 -8.00 12.67
C LEU A 259 -6.71 -7.60 14.11
N ALA A 260 -8.00 -7.36 14.44
CA ALA A 260 -8.35 -6.96 15.79
C ALA A 260 -8.36 -8.12 16.78
N GLN A 261 -8.42 -9.36 16.31
CA GLN A 261 -8.53 -10.54 17.16
C GLN A 261 -7.78 -11.67 16.47
N PRO A 262 -7.42 -12.71 17.20
CA PRO A 262 -6.95 -13.93 16.52
C PRO A 262 -8.04 -14.44 15.58
N LEU A 263 -7.63 -14.90 14.41
CA LEU A 263 -8.57 -15.30 13.37
C LEU A 263 -8.47 -16.81 13.14
N ARG A 264 -9.61 -17.48 13.15
CA ARG A 264 -9.68 -18.91 12.87
C ARG A 264 -9.81 -19.12 11.36
N VAL A 265 -8.98 -20.00 10.81
CA VAL A 265 -8.93 -20.30 9.38
C VAL A 265 -9.32 -21.76 9.20
N GLU A 266 -10.39 -22.00 8.45
CA GLU A 266 -10.92 -23.33 8.21
C GLU A 266 -10.37 -23.91 6.92
N LEU A 267 -10.35 -25.23 6.87
CA LEU A 267 -9.85 -25.96 5.70
C LEU A 267 -10.67 -25.65 4.46
N GLU A 268 -9.98 -25.52 3.33
CA GLU A 268 -10.65 -25.28 2.05
C GLU A 268 -11.54 -26.45 1.65
N ILE B 1 33.81 -18.83 6.15
CA ILE B 1 32.94 -19.98 6.31
C ILE B 1 31.93 -19.99 5.18
N GLN B 2 31.42 -21.16 4.80
CA GLN B 2 30.40 -21.24 3.77
C GLN B 2 29.09 -21.74 4.37
N ARG B 3 27.96 -21.19 3.87
CA ARG B 3 26.65 -21.61 4.32
C ARG B 3 25.77 -21.89 3.11
N THR B 4 25.05 -22.97 3.16
CA THR B 4 24.27 -23.38 2.01
C THR B 4 22.88 -22.72 2.05
N PRO B 5 22.33 -22.38 0.88
CA PRO B 5 21.08 -21.59 0.87
C PRO B 5 19.87 -22.42 1.27
N LYS B 6 18.96 -21.76 1.98
CA LYS B 6 17.60 -22.25 2.13
C LYS B 6 16.77 -21.65 1.01
N ILE B 7 15.82 -22.43 0.47
CA ILE B 7 15.05 -21.99 -0.68
C ILE B 7 13.57 -22.13 -0.38
N GLN B 8 12.83 -21.04 -0.59
CA GLN B 8 11.37 -21.04 -0.47
C GLN B 8 10.75 -20.50 -1.75
N VAL B 9 9.61 -21.07 -2.13
CA VAL B 9 8.88 -20.71 -3.34
C VAL B 9 7.42 -20.51 -2.96
N TYR B 10 6.87 -19.33 -3.22
CA TYR B 10 5.51 -19.00 -2.86
C TYR B 10 5.07 -17.80 -3.68
N SER B 11 3.75 -17.70 -3.86
CA SER B 11 3.19 -16.55 -4.55
C SER B 11 2.94 -15.39 -3.60
N ARG B 12 2.89 -14.18 -4.19
CA ARG B 12 2.67 -13.00 -3.36
C ARG B 12 1.26 -13.01 -2.77
N HIS B 13 0.28 -13.41 -3.55
CA HIS B 13 -1.12 -13.49 -3.14
C HIS B 13 -1.58 -14.94 -3.26
N PRO B 14 -2.63 -15.34 -2.53
CA PRO B 14 -3.18 -16.68 -2.73
C PRO B 14 -3.39 -16.94 -4.23
N ALA B 15 -2.96 -18.12 -4.67
CA ALA B 15 -3.03 -18.42 -6.10
C ALA B 15 -4.48 -18.70 -6.51
N GLU B 16 -4.90 -18.06 -7.59
CA GLU B 16 -6.21 -18.30 -8.20
C GLU B 16 -6.01 -18.43 -9.69
N ASN B 17 -6.44 -19.57 -10.26
CA ASN B 17 -6.20 -19.81 -11.68
C ASN B 17 -6.82 -18.68 -12.50
N GLY B 18 -6.03 -18.11 -13.42
CA GLY B 18 -6.53 -17.05 -14.26
C GLY B 18 -6.41 -15.65 -13.69
N LYS B 19 -5.91 -15.51 -12.46
CA LYS B 19 -5.72 -14.19 -11.85
C LYS B 19 -4.22 -13.89 -11.79
N SER B 20 -3.86 -12.70 -12.26
CA SER B 20 -2.47 -12.26 -12.24
C SER B 20 -1.94 -12.19 -10.81
N ASN B 21 -0.63 -12.44 -10.66
CA ASN B 21 -0.02 -12.66 -9.36
C ASN B 21 1.49 -12.47 -9.54
N PHE B 22 2.25 -12.77 -8.50
CA PHE B 22 3.70 -12.83 -8.56
C PHE B 22 4.19 -14.12 -7.93
N LEU B 23 5.19 -14.72 -8.53
CA LEU B 23 5.84 -15.92 -7.99
C LEU B 23 7.18 -15.50 -7.40
N ASN B 24 7.44 -15.90 -6.16
CA ASN B 24 8.67 -15.55 -5.46
C ASN B 24 9.55 -16.78 -5.29
N CYS B 25 10.86 -16.59 -5.40
CA CYS B 25 11.85 -17.55 -4.94
C CYS B 25 12.76 -16.83 -3.98
N TYR B 26 12.60 -17.11 -2.68
CA TYR B 26 13.35 -16.48 -1.62
C TYR B 26 14.48 -17.40 -1.19
N VAL B 27 15.71 -16.93 -1.36
CA VAL B 27 16.92 -17.71 -1.07
C VAL B 27 17.63 -16.99 0.07
N SER B 28 17.93 -17.71 1.15
CA SER B 28 18.45 -17.07 2.34
C SER B 28 19.46 -17.99 3.02
N GLY B 29 20.17 -17.42 3.98
CA GLY B 29 21.04 -18.19 4.85
C GLY B 29 22.33 -18.65 4.24
N PHE B 30 22.76 -18.03 3.13
CA PHE B 30 23.90 -18.55 2.39
C PHE B 30 25.12 -17.63 2.50
N HIS B 31 26.28 -18.21 2.25
CA HIS B 31 27.58 -17.52 2.29
C HIS B 31 28.58 -18.37 1.51
N PRO B 32 29.38 -17.77 0.60
CA PRO B 32 29.46 -16.35 0.25
C PRO B 32 28.27 -15.87 -0.58
N SER B 33 28.34 -14.60 -1.04
CA SER B 33 27.16 -13.95 -1.59
C SER B 33 26.89 -14.27 -3.05
N ASP B 34 27.86 -14.80 -3.80
CA ASP B 34 27.60 -15.14 -5.20
C ASP B 34 26.59 -16.28 -5.30
N ILE B 35 25.47 -16.03 -5.97
CA ILE B 35 24.44 -17.06 -6.09
C ILE B 35 23.74 -16.91 -7.44
N GLU B 36 23.28 -18.01 -7.99
CA GLU B 36 22.60 -18.00 -9.27
C GLU B 36 21.22 -18.61 -9.10
N VAL B 37 20.19 -17.91 -9.58
CA VAL B 37 18.80 -18.33 -9.36
C VAL B 37 18.02 -18.17 -10.66
N ASP B 38 17.21 -19.16 -10.98
CA ASP B 38 16.30 -19.08 -12.10
C ASP B 38 14.93 -19.56 -11.69
N LEU B 39 13.90 -18.87 -12.17
CA LEU B 39 12.53 -19.37 -12.11
C LEU B 39 12.23 -20.17 -13.37
N LEU B 40 11.48 -21.27 -13.20
CA LEU B 40 11.20 -22.20 -14.28
C LEU B 40 9.69 -22.38 -14.41
N LYS B 41 9.21 -22.45 -15.65
CA LYS B 41 7.81 -22.73 -15.97
C LYS B 41 7.77 -24.02 -16.77
N ASN B 42 7.28 -25.09 -16.15
CA ASN B 42 7.29 -26.41 -16.75
C ASN B 42 8.70 -26.78 -17.21
N GLY B 43 9.70 -26.40 -16.42
CA GLY B 43 11.06 -26.73 -16.73
C GLY B 43 11.81 -25.68 -17.53
N GLU B 44 11.10 -24.73 -18.15
CA GLU B 44 11.73 -23.73 -19.00
C GLU B 44 12.06 -22.48 -18.21
N ARG B 45 13.28 -21.99 -18.39
CA ARG B 45 13.72 -20.80 -17.70
C ARG B 45 12.84 -19.60 -18.07
N ILE B 46 12.39 -18.87 -17.07
CA ILE B 46 11.55 -17.69 -17.30
C ILE B 46 12.46 -16.49 -17.58
N GLU B 47 12.14 -15.73 -18.63
CA GLU B 47 13.02 -14.63 -19.02
C GLU B 47 12.84 -13.39 -18.15
N LYS B 48 11.59 -13.01 -17.84
CA LYS B 48 11.37 -11.70 -17.20
C LYS B 48 11.28 -11.91 -15.70
N VAL B 49 12.45 -11.94 -15.07
CA VAL B 49 12.58 -12.18 -13.62
C VAL B 49 13.37 -11.04 -13.02
N GLU B 50 12.83 -10.44 -11.96
CA GLU B 50 13.53 -9.39 -11.22
C GLU B 50 13.99 -9.93 -9.87
N HIS B 51 14.87 -9.17 -9.23
CA HIS B 51 15.32 -9.57 -7.91
C HIS B 51 15.57 -8.36 -7.04
N SER B 52 15.39 -8.55 -5.73
CA SER B 52 15.66 -7.54 -4.74
C SER B 52 17.16 -7.34 -4.58
N ASP B 53 17.52 -6.44 -3.66
CA ASP B 53 18.92 -6.23 -3.30
C ASP B 53 19.42 -7.41 -2.48
N LEU B 54 20.66 -7.81 -2.77
CA LEU B 54 21.39 -8.73 -1.89
C LEU B 54 21.57 -8.09 -0.52
N SER B 55 20.98 -8.67 0.52
CA SER B 55 21.18 -8.15 1.85
C SER B 55 21.55 -9.29 2.78
N PHE B 56 21.58 -9.04 4.09
CA PHE B 56 22.02 -10.10 4.99
C PHE B 56 21.36 -9.91 6.35
N SER B 57 21.29 -11.01 7.10
CA SER B 57 20.57 -11.13 8.36
C SER B 57 21.52 -10.94 9.53
N LYS B 58 20.96 -10.99 10.74
CA LYS B 58 21.77 -10.75 11.94
C LYS B 58 22.94 -11.71 12.05
N ASP B 59 22.79 -12.94 11.53
CA ASP B 59 23.87 -13.91 11.59
C ASP B 59 24.86 -13.75 10.43
N TRP B 60 24.76 -12.67 9.65
CA TRP B 60 25.64 -12.28 8.54
C TRP B 60 25.37 -13.08 7.28
N SER B 61 24.50 -14.09 7.31
CA SER B 61 24.18 -14.83 6.09
C SER B 61 23.36 -13.96 5.14
N PHE B 62 23.56 -14.18 3.83
CA PHE B 62 22.95 -13.35 2.81
C PHE B 62 21.57 -13.86 2.43
N TYR B 63 20.74 -12.95 1.93
CA TYR B 63 19.44 -13.36 1.38
C TYR B 63 19.06 -12.47 0.20
N LEU B 64 18.15 -13.00 -0.62
CA LEU B 64 17.81 -12.41 -1.91
C LEU B 64 16.42 -12.91 -2.33
N LEU B 65 15.61 -12.03 -2.89
CA LEU B 65 14.30 -12.39 -3.43
C LEU B 65 14.30 -12.25 -4.95
N TYR B 66 13.97 -13.34 -5.64
CA TYR B 66 13.66 -13.31 -7.07
C TYR B 66 12.14 -13.44 -7.27
N TYR B 67 11.60 -12.68 -8.22
CA TYR B 67 10.16 -12.68 -8.44
C TYR B 67 9.83 -12.39 -9.89
N THR B 68 8.66 -12.85 -10.32
CA THR B 68 8.22 -12.69 -11.69
C THR B 68 6.69 -12.62 -11.70
N GLU B 69 6.14 -11.77 -12.56
CA GLU B 69 4.69 -11.68 -12.68
C GLU B 69 4.17 -12.89 -13.46
N PHE B 70 3.08 -13.49 -12.97
CA PHE B 70 2.58 -14.66 -13.66
C PHE B 70 1.12 -14.87 -13.36
N THR B 71 0.48 -15.70 -14.17
CA THR B 71 -0.93 -16.03 -14.02
C THR B 71 -1.01 -17.54 -13.87
N PRO B 72 -1.24 -18.05 -12.67
CA PRO B 72 -1.26 -19.50 -12.49
C PRO B 72 -2.43 -20.14 -13.24
N THR B 73 -2.23 -21.39 -13.62
CA THR B 73 -3.28 -22.22 -14.20
C THR B 73 -3.27 -23.55 -13.47
N GLU B 74 -4.26 -24.38 -13.79
CA GLU B 74 -4.38 -25.67 -13.11
C GLU B 74 -3.17 -26.55 -13.40
N LYS B 75 -2.71 -26.56 -14.66
CA LYS B 75 -1.73 -27.56 -15.09
C LYS B 75 -0.29 -27.07 -15.08
N ASP B 76 -0.04 -25.75 -15.16
CA ASP B 76 1.33 -25.28 -15.26
C ASP B 76 2.10 -25.46 -13.96
N GLU B 77 3.33 -25.95 -14.06
CA GLU B 77 4.17 -26.18 -12.89
C GLU B 77 5.32 -25.17 -12.85
N TYR B 78 5.59 -24.65 -11.66
CA TYR B 78 6.68 -23.71 -11.51
C TYR B 78 7.69 -24.23 -10.48
N ALA B 79 8.92 -23.75 -10.61
CA ALA B 79 10.00 -24.20 -9.75
C ALA B 79 11.05 -23.11 -9.68
N CYS B 80 11.94 -23.25 -8.70
CA CYS B 80 13.10 -22.38 -8.53
C CYS B 80 14.35 -23.24 -8.58
N ARG B 81 15.35 -22.78 -9.32
CA ARG B 81 16.59 -23.51 -9.52
C ARG B 81 17.75 -22.64 -9.04
N VAL B 82 18.55 -23.18 -8.13
CA VAL B 82 19.54 -22.39 -7.41
C VAL B 82 20.88 -23.07 -7.54
N ASN B 83 21.90 -22.29 -7.87
CA ASN B 83 23.27 -22.78 -7.82
C ASN B 83 24.10 -21.91 -6.89
N HIS B 84 24.96 -22.57 -6.13
CA HIS B 84 25.81 -21.94 -5.14
C HIS B 84 27.04 -22.82 -4.95
N VAL B 85 28.13 -22.21 -4.48
CA VAL B 85 29.37 -22.99 -4.33
C VAL B 85 29.18 -24.16 -3.36
N THR B 86 28.30 -24.02 -2.35
CA THR B 86 28.10 -25.13 -1.42
C THR B 86 27.37 -26.33 -2.04
N LEU B 87 26.81 -26.20 -3.24
CA LEU B 87 25.96 -27.23 -3.83
C LEU B 87 26.72 -28.05 -4.84
N SER B 88 26.65 -29.38 -4.72
CA SER B 88 27.31 -30.24 -5.70
C SER B 88 26.57 -30.23 -7.03
N GLN B 89 25.31 -29.86 -7.06
CA GLN B 89 24.59 -29.64 -8.31
C GLN B 89 23.45 -28.66 -8.03
N PRO B 90 22.93 -27.98 -9.05
CA PRO B 90 21.84 -27.02 -8.82
C PRO B 90 20.66 -27.70 -8.13
N LYS B 91 20.13 -27.03 -7.11
CA LYS B 91 18.95 -27.50 -6.39
C LYS B 91 17.68 -26.91 -7.03
N ILE B 92 16.68 -27.75 -7.25
CA ILE B 92 15.41 -27.33 -7.84
C ILE B 92 14.31 -27.55 -6.80
N VAL B 93 13.60 -26.49 -6.47
CA VAL B 93 12.50 -26.55 -5.51
C VAL B 93 11.21 -26.21 -6.23
N LYS B 94 10.26 -27.15 -6.24
CA LYS B 94 9.01 -26.92 -6.94
C LYS B 94 8.10 -26.00 -6.13
N TRP B 95 7.34 -25.17 -6.84
CA TRP B 95 6.32 -24.36 -6.18
C TRP B 95 5.18 -25.25 -5.72
N ASP B 96 4.94 -25.26 -4.42
CA ASP B 96 3.75 -25.87 -3.85
C ASP B 96 2.73 -24.76 -3.62
N ARG B 97 1.62 -24.81 -4.37
CA ARG B 97 0.61 -23.75 -4.31
CA ARG B 97 0.62 -23.75 -4.30
C ARG B 97 0.06 -23.57 -2.89
N ASP B 98 0.09 -24.61 -2.06
CA ASP B 98 -0.36 -24.47 -0.68
C ASP B 98 0.55 -23.58 0.16
N MET B 99 1.82 -23.43 -0.23
CA MET B 99 2.81 -22.82 0.67
C MET B 99 2.82 -21.29 0.63
N HIS C 4 -17.27 7.94 15.07
CA HIS C 4 -16.64 6.71 14.61
C HIS C 4 -17.02 6.38 13.15
N LEU C 5 -16.60 5.20 12.71
CA LEU C 5 -16.65 4.82 11.30
C LEU C 5 -18.04 4.40 10.87
N SER C 6 -18.39 4.73 9.62
CA SER C 6 -19.70 4.47 9.07
C SER C 6 -19.59 3.49 7.91
N LEU C 7 -20.51 2.54 7.85
CA LEU C 7 -20.70 1.71 6.67
C LEU C 7 -21.89 2.28 5.92
N LEU C 8 -21.66 2.73 4.69
CA LEU C 8 -22.69 3.41 3.92
C LEU C 8 -22.74 2.82 2.51
N TYR C 9 -23.95 2.48 2.05
CA TYR C 9 -24.19 2.08 0.68
C TYR C 9 -24.73 3.26 -0.13
N HIS C 10 -24.15 3.49 -1.31
CA HIS C 10 -24.61 4.50 -2.26
C HIS C 10 -25.29 3.78 -3.41
N LEU C 11 -26.62 3.77 -3.42
CA LEU C 11 -27.40 3.08 -4.44
C LEU C 11 -27.94 4.09 -5.45
N THR C 12 -27.82 3.75 -6.75
CA THR C 12 -28.39 4.58 -7.81
C THR C 12 -29.13 3.72 -8.80
N ALA C 13 -30.31 4.18 -9.22
CA ALA C 13 -31.00 3.64 -10.37
C ALA C 13 -31.36 4.77 -11.31
N VAL C 14 -31.32 4.49 -12.61
CA VAL C 14 -31.72 5.43 -13.63
C VAL C 14 -32.79 4.77 -14.48
N SER C 15 -33.72 5.58 -14.99
CA SER C 15 -34.86 5.02 -15.70
C SER C 15 -34.50 4.63 -17.13
N SER C 16 -33.54 5.31 -17.75
CA SER C 16 -33.12 5.00 -19.12
C SER C 16 -31.60 4.96 -19.20
N PRO C 17 -30.99 3.84 -18.84
CA PRO C 17 -29.53 3.76 -18.86
C PRO C 17 -28.98 3.73 -20.28
N ALA C 18 -27.85 4.39 -20.47
CA ALA C 18 -27.17 4.34 -21.75
C ALA C 18 -26.81 2.89 -22.07
N PRO C 19 -26.82 2.50 -23.33
CA PRO C 19 -26.54 1.10 -23.69
C PRO C 19 -25.19 0.64 -23.16
N GLY C 20 -25.17 -0.60 -22.68
CA GLY C 20 -23.99 -1.14 -22.05
C GLY C 20 -23.76 -0.68 -20.62
N THR C 21 -24.55 0.29 -20.11
CA THR C 21 -24.38 0.75 -18.74
C THR C 21 -25.52 0.22 -17.87
N PRO C 22 -25.27 -0.02 -16.59
CA PRO C 22 -26.29 -0.68 -15.75
C PRO C 22 -27.43 0.26 -15.38
N ALA C 23 -28.62 -0.33 -15.22
CA ALA C 23 -29.75 0.44 -14.73
C ALA C 23 -29.60 0.78 -13.26
N PHE C 24 -28.83 -0.03 -12.52
CA PHE C 24 -28.73 0.06 -11.06
C PHE C 24 -27.34 -0.37 -10.65
N TRP C 25 -26.71 0.39 -9.75
CA TRP C 25 -25.38 0.02 -9.27
C TRP C 25 -25.19 0.59 -7.88
N VAL C 26 -24.29 -0.04 -7.13
CA VAL C 26 -24.08 0.28 -5.72
C VAL C 26 -22.58 0.36 -5.47
N SER C 27 -22.18 1.29 -4.61
CA SER C 27 -20.86 1.26 -4.01
C SER C 27 -21.02 1.29 -2.50
N GLY C 28 -20.21 0.48 -1.83
CA GLY C 28 -20.23 0.39 -0.37
C GLY C 28 -18.93 0.96 0.17
N TRP C 29 -19.04 1.68 1.28
CA TRP C 29 -17.94 2.46 1.82
C TRP C 29 -17.81 2.19 3.31
N LEU C 30 -16.57 2.07 3.75
CA LEU C 30 -16.20 2.04 5.16
C LEU C 30 -15.46 3.33 5.40
N GLY C 31 -16.14 4.31 5.99
CA GLY C 31 -15.58 5.63 6.06
C GLY C 31 -15.31 6.13 4.66
N PRO C 32 -14.12 6.66 4.42
CA PRO C 32 -13.80 7.22 3.09
C PRO C 32 -13.25 6.22 2.08
N GLN C 33 -13.21 4.92 2.37
CA GLN C 33 -12.68 3.99 1.38
C GLN C 33 -13.74 2.99 0.95
N GLN C 34 -13.68 2.63 -0.33
CA GLN C 34 -14.68 1.75 -0.93
C GLN C 34 -14.29 0.29 -0.70
N TYR C 35 -15.22 -0.50 -0.19
CA TYR C 35 -15.00 -1.92 0.01
C TYR C 35 -15.86 -2.79 -0.90
N LEU C 36 -16.91 -2.23 -1.52
CA LEU C 36 -17.90 -3.02 -2.24
C LEU C 36 -18.34 -2.35 -3.53
N SER C 37 -18.51 -3.17 -4.56
CA SER C 37 -19.08 -2.72 -5.83
CA SER C 37 -19.10 -2.71 -5.82
C SER C 37 -20.17 -3.69 -6.25
N TYR C 38 -21.22 -3.15 -6.86
CA TYR C 38 -22.34 -3.95 -7.36
C TYR C 38 -23.00 -3.19 -8.50
N ASN C 39 -23.35 -3.91 -9.56
CA ASN C 39 -24.21 -3.34 -10.60
C ASN C 39 -25.09 -4.45 -11.18
N SER C 40 -26.17 -4.02 -11.85
CA SER C 40 -27.23 -4.91 -12.32
C SER C 40 -26.84 -5.71 -13.56
N LEU C 41 -25.79 -5.33 -14.29
CA LEU C 41 -25.32 -6.12 -15.42
C LEU C 41 -24.55 -7.35 -14.95
N ARG C 42 -23.62 -7.17 -14.02
CA ARG C 42 -22.93 -8.32 -13.46
C ARG C 42 -23.80 -9.06 -12.46
N GLY C 43 -24.56 -8.33 -11.64
CA GLY C 43 -25.45 -8.95 -10.67
C GLY C 43 -24.80 -9.60 -9.48
N GLU C 44 -23.55 -9.24 -9.16
CA GLU C 44 -22.81 -9.83 -8.04
C GLU C 44 -22.08 -8.73 -7.28
N ALA C 45 -22.21 -8.74 -5.96
CA ALA C 45 -21.47 -7.82 -5.12
C ALA C 45 -20.03 -8.31 -5.02
N GLU C 46 -19.07 -7.38 -5.12
CA GLU C 46 -17.67 -7.74 -5.18
C GLU C 46 -16.84 -6.81 -4.32
N PRO C 47 -15.76 -7.32 -3.71
CA PRO C 47 -14.87 -6.45 -2.92
C PRO C 47 -14.05 -5.53 -3.80
N CYS C 48 -13.55 -4.45 -3.20
CA CYS C 48 -12.72 -3.46 -3.87
C CYS C 48 -11.40 -3.30 -3.14
N GLY C 49 -10.33 -3.09 -3.91
CA GLY C 49 -9.05 -2.73 -3.32
C GLY C 49 -8.55 -3.79 -2.37
N ALA C 50 -7.94 -3.35 -1.26
CA ALA C 50 -7.42 -4.27 -0.26
C ALA C 50 -8.48 -5.24 0.24
N TRP C 51 -9.75 -4.86 0.19
CA TRP C 51 -10.80 -5.71 0.73
C TRP C 51 -10.94 -7.01 -0.02
N VAL C 52 -10.42 -7.08 -1.25
CA VAL C 52 -10.35 -8.35 -1.98
C VAL C 52 -9.59 -9.39 -1.18
N TRP C 53 -8.60 -8.98 -0.39
CA TRP C 53 -7.80 -9.95 0.36
C TRP C 53 -8.27 -10.14 1.80
N GLU C 54 -9.37 -9.49 2.18
CA GLU C 54 -9.90 -9.66 3.53
C GLU C 54 -10.33 -11.10 3.78
N ASN C 55 -10.07 -11.59 4.99
CA ASN C 55 -10.54 -12.91 5.39
C ASN C 55 -11.97 -12.75 5.91
N GLN C 56 -12.93 -13.32 5.21
CA GLN C 56 -14.32 -13.13 5.59
C GLN C 56 -14.99 -14.46 5.91
N VAL C 57 -16.17 -14.37 6.52
CA VAL C 57 -17.02 -15.54 6.71
C VAL C 57 -17.41 -16.12 5.35
N SER C 58 -17.72 -17.42 5.34
CA SER C 58 -17.76 -18.17 4.08
C SER C 58 -18.86 -17.68 3.15
N TRP C 59 -19.92 -17.11 3.71
CA TRP C 59 -21.11 -16.65 3.01
CA TRP C 59 -21.02 -16.66 2.87
C TRP C 59 -21.17 -15.14 2.84
N TYR C 60 -20.10 -14.42 3.19
CA TYR C 60 -20.17 -12.97 3.27
C TYR C 60 -20.68 -12.33 1.98
N TRP C 61 -20.00 -12.63 0.86
CA TRP C 61 -20.30 -11.89 -0.37
C TRP C 61 -21.57 -12.38 -1.03
N GLU C 62 -21.95 -13.64 -0.82
CA GLU C 62 -23.24 -14.12 -1.28
C GLU C 62 -24.38 -13.35 -0.61
N LYS C 63 -24.27 -13.11 0.70
CA LYS C 63 -25.30 -12.36 1.43
C LYS C 63 -25.38 -10.92 0.96
N GLU C 64 -24.23 -10.26 0.79
CA GLU C 64 -24.24 -8.93 0.18
C GLU C 64 -24.97 -8.97 -1.16
N THR C 65 -24.63 -9.94 -2.00
CA THR C 65 -25.28 -10.06 -3.31
C THR C 65 -26.79 -10.25 -3.15
N THR C 66 -27.20 -11.14 -2.25
CA THR C 66 -28.61 -11.37 -2.03
C THR C 66 -29.34 -10.07 -1.67
N ASP C 67 -28.77 -9.30 -0.75
CA ASP C 67 -29.42 -8.08 -0.27
C ASP C 67 -29.52 -7.03 -1.37
N LEU C 68 -28.47 -6.90 -2.19
CA LEU C 68 -28.46 -5.84 -3.19
C LEU C 68 -29.33 -6.20 -4.39
N ARG C 69 -29.50 -7.49 -4.66
CA ARG C 69 -30.46 -7.89 -5.70
C ARG C 69 -31.87 -7.55 -5.28
N ILE C 70 -32.16 -7.62 -3.98
CA ILE C 70 -33.47 -7.23 -3.48
C ILE C 70 -33.67 -5.73 -3.61
N LYS C 71 -32.65 -4.93 -3.27
CA LYS C 71 -32.81 -3.49 -3.42
C LYS C 71 -32.88 -3.08 -4.89
N GLU C 72 -32.14 -3.77 -5.75
CA GLU C 72 -32.21 -3.50 -7.19
C GLU C 72 -33.64 -3.60 -7.69
N LYS C 73 -34.37 -4.66 -7.32
CA LYS C 73 -35.74 -4.82 -7.79
C LYS C 73 -36.64 -3.71 -7.23
N LEU C 74 -36.43 -3.31 -5.98
CA LEU C 74 -37.20 -2.20 -5.41
C LEU C 74 -36.95 -0.91 -6.18
N PHE C 75 -35.69 -0.59 -6.46
CA PHE C 75 -35.40 0.66 -7.14
C PHE C 75 -36.05 0.71 -8.51
N LEU C 76 -35.91 -0.37 -9.28
CA LEU C 76 -36.50 -0.41 -10.62
C LEU C 76 -38.03 -0.38 -10.57
N GLU C 77 -38.63 -0.95 -9.52
CA GLU C 77 -40.08 -0.84 -9.34
C GLU C 77 -40.52 0.59 -9.08
N ALA C 78 -39.63 1.42 -8.52
CA ALA C 78 -40.04 2.79 -8.19
C ALA C 78 -40.40 3.59 -9.44
N PHE C 79 -39.72 3.31 -10.56
CA PHE C 79 -39.98 4.05 -11.78
C PHE C 79 -41.36 3.71 -12.35
N LYS C 80 -41.77 2.45 -12.22
CA LYS C 80 -43.12 2.08 -12.65
C LYS C 80 -44.18 2.80 -11.82
N ALA C 81 -43.91 2.99 -10.52
CA ALA C 81 -44.85 3.69 -9.66
C ALA C 81 -44.96 5.16 -10.00
N LEU C 82 -43.89 5.78 -10.52
CA LEU C 82 -43.96 7.17 -10.92
C LEU C 82 -44.74 7.36 -12.22
N GLY C 83 -44.57 6.45 -13.18
CA GLY C 83 -45.21 6.65 -14.47
C GLY C 83 -44.53 7.76 -15.25
N GLY C 84 -45.13 8.09 -16.39
CA GLY C 84 -44.61 9.14 -17.24
C GLY C 84 -43.37 8.73 -18.00
N LYS C 85 -42.87 9.69 -18.81
CA LYS C 85 -41.76 9.41 -19.70
C LYS C 85 -40.40 9.53 -19.01
N GLY C 86 -40.33 10.17 -17.85
CA GLY C 86 -39.06 10.40 -17.19
C GLY C 86 -38.25 11.49 -17.89
N PRO C 87 -36.92 11.37 -17.86
CA PRO C 87 -36.19 10.30 -17.19
C PRO C 87 -36.07 10.56 -15.70
N TYR C 88 -35.74 9.51 -14.94
CA TYR C 88 -35.64 9.60 -13.50
C TYR C 88 -34.31 9.04 -13.04
N THR C 89 -33.79 9.62 -11.97
CA THR C 89 -32.69 9.07 -11.18
C THR C 89 -33.18 8.88 -9.76
N LEU C 90 -32.98 7.69 -9.21
CA LEU C 90 -33.29 7.42 -7.81
C LEU C 90 -32.01 7.03 -7.09
N GLN C 91 -31.73 7.68 -5.97
CA GLN C 91 -30.55 7.41 -5.17
C GLN C 91 -30.95 7.08 -3.75
N GLY C 92 -30.20 6.17 -3.14
CA GLY C 92 -30.36 5.87 -1.73
C GLY C 92 -29.03 5.93 -1.02
N LEU C 93 -29.08 6.32 0.24
CA LEU C 93 -27.92 6.33 1.13
C LEU C 93 -28.38 5.56 2.36
N LEU C 94 -27.94 4.30 2.45
CA LEU C 94 -28.34 3.38 3.51
C LEU C 94 -27.11 2.90 4.25
N GLY C 95 -27.16 2.90 5.57
CA GLY C 95 -26.04 2.39 6.33
C GLY C 95 -26.18 2.71 7.81
N CYS C 96 -25.07 2.54 8.52
CA CYS C 96 -25.10 2.64 9.97
C CYS C 96 -23.75 3.07 10.50
N GLU C 97 -23.74 3.35 11.80
CA GLU C 97 -22.57 3.74 12.56
C GLU C 97 -22.75 3.21 13.97
N LEU C 98 -21.70 2.58 14.52
CA LEU C 98 -21.85 1.84 15.76
C LEU C 98 -22.10 2.76 16.94
N GLY C 99 -22.88 2.27 17.90
CA GLY C 99 -23.20 3.01 19.11
C GLY C 99 -22.47 2.45 20.32
N PRO C 100 -22.61 3.13 21.47
CA PRO C 100 -21.79 2.77 22.63
C PRO C 100 -22.18 1.44 23.27
N ASP C 101 -23.47 1.20 23.48
CA ASP C 101 -23.92 -0.01 24.19
C ASP C 101 -24.19 -1.15 23.22
N ASN C 102 -23.22 -1.42 22.33
CA ASN C 102 -23.38 -2.41 21.27
C ASN C 102 -24.64 -2.15 20.45
N THR C 103 -24.92 -0.87 20.21
CA THR C 103 -26.04 -0.44 19.40
C THR C 103 -25.55 0.11 18.07
N SER C 104 -26.50 0.44 17.20
CA SER C 104 -26.20 0.95 15.88
C SER C 104 -27.13 2.12 15.58
N VAL C 105 -26.62 3.08 14.81
CA VAL C 105 -27.37 4.26 14.41
C VAL C 105 -27.58 4.19 12.90
N PRO C 106 -28.80 3.94 12.43
CA PRO C 106 -29.02 3.74 10.99
C PRO C 106 -29.16 5.05 10.23
N THR C 107 -28.86 4.98 8.93
CA THR C 107 -29.12 6.06 7.98
C THR C 107 -29.94 5.49 6.85
N ALA C 108 -31.03 6.18 6.47
CA ALA C 108 -31.84 5.69 5.35
C ALA C 108 -32.53 6.88 4.67
N LYS C 109 -31.86 7.42 3.65
CA LYS C 109 -32.34 8.59 2.92
C LYS C 109 -32.35 8.29 1.43
N PHE C 110 -33.26 8.95 0.70
CA PHE C 110 -33.39 8.76 -0.74
C PHE C 110 -33.55 10.11 -1.42
N ALA C 111 -33.11 10.17 -2.69
CA ALA C 111 -33.19 11.36 -3.51
C ALA C 111 -33.77 11.02 -4.87
N LEU C 112 -34.62 11.91 -5.38
CA LEU C 112 -35.18 11.78 -6.71
C LEU C 112 -34.66 12.92 -7.56
N ASN C 113 -33.99 12.58 -8.66
CA ASN C 113 -33.43 13.56 -9.58
C ASN C 113 -32.52 14.57 -8.87
N GLY C 114 -31.77 14.08 -7.87
CA GLY C 114 -30.83 14.90 -7.14
C GLY C 114 -31.41 15.62 -5.95
N GLU C 115 -32.71 15.49 -5.70
CA GLU C 115 -33.37 16.14 -4.59
C GLU C 115 -33.77 15.10 -3.56
N GLU C 116 -33.35 15.31 -2.30
CA GLU C 116 -33.78 14.46 -1.20
C GLU C 116 -35.28 14.55 -1.03
N PHE C 117 -35.96 13.40 -0.92
CA PHE C 117 -37.42 13.42 -0.94
C PHE C 117 -38.05 12.31 -0.12
N MET C 118 -37.23 11.39 0.41
CA MET C 118 -37.80 10.22 1.06
C MET C 118 -36.81 9.65 2.06
N ASN C 119 -37.34 9.12 3.16
CA ASN C 119 -36.53 8.38 4.12
C ASN C 119 -37.31 7.15 4.59
N PHE C 120 -36.60 6.25 5.26
CA PHE C 120 -37.24 5.11 5.90
C PHE C 120 -37.31 5.35 7.40
N ASP C 121 -38.52 5.20 7.95
CA ASP C 121 -38.80 5.38 9.37
C ASP C 121 -38.66 4.03 10.06
N LEU C 122 -37.61 3.88 10.88
CA LEU C 122 -37.36 2.59 11.51
C LEU C 122 -38.28 2.31 12.68
N LYS C 123 -38.89 3.34 13.27
CA LYS C 123 -39.80 3.11 14.39
C LYS C 123 -41.12 2.55 13.91
N GLN C 124 -41.69 3.12 12.84
CA GLN C 124 -42.92 2.62 12.25
C GLN C 124 -42.69 1.54 11.20
N GLY C 125 -41.48 1.45 10.66
CA GLY C 125 -41.20 0.46 9.63
C GLY C 125 -41.76 0.83 8.28
N THR C 126 -41.66 2.09 7.87
CA THR C 126 -42.29 2.55 6.64
C THR C 126 -41.44 3.61 5.97
N TRP C 127 -41.65 3.74 4.66
CA TRP C 127 -41.05 4.80 3.87
C TRP C 127 -41.97 6.01 3.84
N GLY C 128 -41.38 7.20 3.88
CA GLY C 128 -42.20 8.39 3.97
C GLY C 128 -41.51 9.60 3.40
N GLY C 129 -42.32 10.61 3.09
CA GLY C 129 -41.85 11.85 2.52
C GLY C 129 -43.04 12.71 2.20
N ASP C 130 -42.76 13.99 1.95
CA ASP C 130 -43.84 14.94 1.73
C ASP C 130 -44.35 14.91 0.29
N TRP C 131 -43.44 14.75 -0.68
CA TRP C 131 -43.79 14.86 -2.08
C TRP C 131 -44.72 13.73 -2.53
N PRO C 132 -45.58 13.98 -3.53
CA PRO C 132 -46.39 12.88 -4.08
C PRO C 132 -45.56 11.76 -4.68
N GLU C 133 -44.34 12.04 -5.16
CA GLU C 133 -43.50 10.96 -5.65
C GLU C 133 -43.07 10.04 -4.52
N ALA C 134 -42.84 10.58 -3.32
CA ALA C 134 -42.49 9.73 -2.20
C ALA C 134 -43.67 8.86 -1.80
N LEU C 135 -44.87 9.46 -1.70
CA LEU C 135 -46.05 8.68 -1.38
C LEU C 135 -46.26 7.55 -2.38
N ALA C 136 -46.06 7.84 -3.67
CA ALA C 136 -46.22 6.82 -4.70
C ALA C 136 -45.21 5.69 -4.53
N ILE C 137 -43.92 6.05 -4.37
CA ILE C 137 -42.90 5.00 -4.26
C ILE C 137 -43.09 4.21 -2.98
N SER C 138 -43.28 4.91 -1.85
CA SER C 138 -43.48 4.25 -0.57
C SER C 138 -44.60 3.22 -0.63
N GLN C 139 -45.74 3.60 -1.21
CA GLN C 139 -46.89 2.70 -1.29
C GLN C 139 -46.58 1.47 -2.13
N ARG C 140 -45.91 1.67 -3.27
CA ARG C 140 -45.53 0.52 -4.10
C ARG C 140 -44.59 -0.40 -3.35
N TRP C 141 -43.66 0.17 -2.59
CA TRP C 141 -42.73 -0.64 -1.82
C TRP C 141 -43.42 -1.33 -0.66
N GLN C 142 -44.43 -0.68 -0.06
CA GLN C 142 -45.10 -1.33 1.07
CA GLN C 142 -45.18 -1.27 1.05
C GLN C 142 -45.94 -2.52 0.63
N GLN C 143 -46.43 -2.55 -0.61
CA GLN C 143 -47.23 -3.68 -1.07
C GLN C 143 -46.39 -4.80 -1.65
N GLN C 144 -45.07 -4.65 -1.71
CA GLN C 144 -44.19 -5.78 -1.95
C GLN C 144 -44.00 -6.52 -0.63
N ASP C 145 -44.47 -7.76 -0.59
CA ASP C 145 -44.45 -8.55 0.64
C ASP C 145 -43.05 -8.61 1.25
N LYS C 146 -42.96 -8.35 2.55
CA LYS C 146 -41.75 -8.41 3.37
C LYS C 146 -40.70 -7.37 3.00
N ALA C 147 -41.03 -6.41 2.15
CA ALA C 147 -40.04 -5.38 1.80
C ALA C 147 -39.66 -4.54 3.02
N ALA C 148 -40.65 -4.06 3.75
CA ALA C 148 -40.36 -3.31 4.98
C ALA C 148 -39.58 -4.15 5.97
N ASN C 149 -39.89 -5.46 6.03
CA ASN C 149 -39.20 -6.37 6.95
C ASN C 149 -37.73 -6.51 6.58
N LYS C 150 -37.44 -6.73 5.30
CA LYS C 150 -36.06 -6.86 4.85
C LYS C 150 -35.31 -5.54 4.97
N GLU C 151 -36.00 -4.41 4.81
CA GLU C 151 -35.35 -3.12 4.98
C GLU C 151 -34.92 -2.92 6.43
N LEU C 152 -35.78 -3.30 7.38
CA LEU C 152 -35.45 -3.21 8.80
C LEU C 152 -34.27 -4.10 9.16
N THR C 153 -34.29 -5.36 8.71
CA THR C 153 -33.19 -6.28 9.01
C THR C 153 -31.86 -5.77 8.44
N PHE C 154 -31.90 -5.20 7.23
CA PHE C 154 -30.71 -4.66 6.59
C PHE C 154 -30.05 -3.60 7.45
N LEU C 155 -30.84 -2.67 7.99
CA LEU C 155 -30.28 -1.52 8.69
C LEU C 155 -30.00 -1.81 10.17
N LEU C 156 -30.85 -2.60 10.82
CA LEU C 156 -30.75 -2.80 12.25
C LEU C 156 -29.84 -3.95 12.64
N PHE C 157 -29.58 -4.88 11.73
CA PHE C 157 -28.81 -6.07 12.07
C PHE C 157 -27.71 -6.34 11.06
N SER C 158 -28.04 -6.38 9.77
CA SER C 158 -27.04 -6.74 8.77
C SER C 158 -25.92 -5.70 8.71
N CYS C 159 -26.28 -4.41 8.59
CA CYS C 159 -25.26 -3.37 8.52
CA CYS C 159 -25.25 -3.38 8.51
C CYS C 159 -24.32 -3.38 9.71
N PRO C 160 -24.80 -3.32 10.97
CA PRO C 160 -23.83 -3.30 12.08
C PRO C 160 -23.03 -4.58 12.21
N HIS C 161 -23.61 -5.72 11.85
CA HIS C 161 -22.86 -6.97 11.84
C HIS C 161 -21.74 -6.93 10.80
N ARG C 162 -22.01 -6.39 9.60
CA ARG C 162 -20.96 -6.29 8.59
C ARG C 162 -19.90 -5.28 9.01
N LEU C 163 -20.34 -4.14 9.56
CA LEU C 163 -19.40 -3.13 10.03
C LEU C 163 -18.46 -3.70 11.10
N ARG C 164 -19.02 -4.42 12.09
CA ARG C 164 -18.18 -5.02 13.11
C ARG C 164 -17.24 -6.08 12.52
N GLU C 165 -17.73 -6.86 11.55
CA GLU C 165 -16.86 -7.83 10.88
C GLU C 165 -15.67 -7.14 10.24
N HIS C 166 -15.88 -6.01 9.56
CA HIS C 166 -14.78 -5.36 8.86
C HIS C 166 -13.83 -4.66 9.82
N LEU C 167 -14.34 -4.16 10.96
CA LEU C 167 -13.44 -3.57 11.95
C LEU C 167 -12.51 -4.62 12.53
N GLU C 168 -13.00 -5.86 12.63
CA GLU C 168 -12.19 -6.95 13.18
C GLU C 168 -11.23 -7.51 12.14
N ARG C 169 -11.72 -7.78 10.94
CA ARG C 169 -10.92 -8.48 9.93
C ARG C 169 -10.11 -7.53 9.05
N GLY C 170 -10.48 -6.25 9.00
CA GLY C 170 -9.73 -5.32 8.19
C GLY C 170 -9.25 -4.13 8.96
N ARG C 171 -8.93 -4.31 10.25
CA ARG C 171 -8.52 -3.17 11.07
C ARG C 171 -7.34 -2.44 10.45
N GLY C 172 -6.30 -3.17 10.02
CA GLY C 172 -5.16 -2.51 9.43
C GLY C 172 -5.49 -1.73 8.17
N ASN C 173 -6.53 -2.14 7.43
CA ASN C 173 -6.91 -1.38 6.24
C ASN C 173 -7.51 -0.04 6.64
N LEU C 174 -8.27 -0.03 7.72
CA LEU C 174 -8.94 1.18 8.17
C LEU C 174 -7.96 2.15 8.81
N GLU C 175 -6.88 1.64 9.40
CA GLU C 175 -5.88 2.47 10.07
C GLU C 175 -4.79 2.97 9.14
N TRP C 176 -4.87 2.63 7.86
CA TRP C 176 -3.93 3.11 6.86
C TRP C 176 -3.62 4.59 7.04
N LYS C 177 -2.35 4.93 7.15
CA LYS C 177 -1.90 6.32 7.19
C LYS C 177 -0.72 6.47 6.24
N GLU C 178 -0.93 7.23 5.16
CA GLU C 178 0.08 7.49 4.15
C GLU C 178 0.32 8.98 4.07
N PRO C 179 1.53 9.47 4.38
CA PRO C 179 1.74 10.92 4.40
C PRO C 179 1.78 11.47 2.99
N PRO C 180 1.41 12.73 2.79
CA PRO C 180 1.45 13.31 1.44
C PRO C 180 2.86 13.68 1.01
N SER C 181 3.17 13.44 -0.26
CA SER C 181 4.33 14.05 -0.88
C SER C 181 3.98 15.50 -1.21
N MET C 182 4.81 16.45 -0.77
CA MET C 182 4.45 17.88 -0.85
C MET C 182 5.33 18.63 -1.85
N ARG C 183 4.70 19.57 -2.57
CA ARG C 183 5.44 20.48 -3.44
C ARG C 183 4.81 21.87 -3.35
N LEU C 184 5.67 22.89 -3.40
CA LEU C 184 5.25 24.29 -3.41
C LEU C 184 5.88 24.96 -4.62
N LYS C 185 5.05 25.49 -5.50
CA LYS C 185 5.51 26.02 -6.78
C LYS C 185 4.81 27.33 -7.06
N ALA C 186 5.48 28.18 -7.85
CA ALA C 186 4.94 29.48 -8.26
C ALA C 186 4.81 29.51 -9.77
N ARG C 187 3.79 30.23 -10.26
CA ARG C 187 3.66 30.45 -11.68
C ARG C 187 3.27 31.90 -11.94
N PRO C 188 3.69 32.47 -13.07
CA PRO C 188 3.29 33.84 -13.38
C PRO C 188 1.78 33.95 -13.47
N SER C 189 1.27 35.11 -13.10
CA SER C 189 -0.16 35.36 -13.14
C SER C 189 -0.43 36.68 -13.87
N SER C 190 -1.54 37.35 -13.55
CA SER C 190 -1.81 38.66 -14.10
C SER C 190 -0.69 39.63 -13.68
N PRO C 191 -0.49 40.71 -14.44
CA PRO C 191 0.67 41.58 -14.22
C PRO C 191 0.80 42.06 -12.77
N GLY C 192 2.00 41.91 -12.21
CA GLY C 192 2.28 42.24 -10.83
C GLY C 192 1.99 41.13 -9.84
N PHE C 193 1.50 39.97 -10.30
CA PHE C 193 1.06 38.95 -9.36
C PHE C 193 1.56 37.58 -9.81
N SER C 194 1.76 36.71 -8.81
CA SER C 194 1.99 35.30 -9.05
C SER C 194 1.01 34.51 -8.22
N VAL C 195 0.87 33.23 -8.59
CA VAL C 195 0.04 32.28 -7.87
C VAL C 195 0.96 31.19 -7.32
N LEU C 196 1.00 31.06 -6.01
CA LEU C 196 1.70 29.95 -5.37
C LEU C 196 0.73 28.82 -5.10
N THR C 197 1.14 27.60 -5.40
CA THR C 197 0.31 26.44 -5.14
C THR C 197 1.07 25.45 -4.25
N CYS C 198 0.45 25.09 -3.14
CA CYS C 198 0.94 24.04 -2.25
C CYS C 198 0.11 22.79 -2.54
N SER C 199 0.76 21.72 -2.99
CA SER C 199 0.06 20.54 -3.43
CA SER C 199 0.05 20.53 -3.41
C SER C 199 0.51 19.32 -2.64
N ALA C 200 -0.46 18.46 -2.32
CA ALA C 200 -0.26 17.26 -1.52
C ALA C 200 -0.69 16.06 -2.37
N PHE C 201 0.22 15.11 -2.56
CA PHE C 201 0.04 13.98 -3.46
C PHE C 201 -0.06 12.68 -2.67
N SER C 202 -1.03 11.84 -3.05
CA SER C 202 -1.15 10.45 -2.61
C SER C 202 -1.05 10.29 -1.09
N PHE C 203 -2.09 10.75 -0.41
CA PHE C 203 -2.18 10.62 1.03
C PHE C 203 -3.48 9.94 1.43
N TYR C 204 -3.48 9.41 2.64
CA TYR C 204 -4.66 8.80 3.23
C TYR C 204 -4.44 8.84 4.73
N PRO C 205 -5.46 9.17 5.54
CA PRO C 205 -6.85 9.47 5.21
C PRO C 205 -7.01 10.88 4.64
N PRO C 206 -8.19 11.18 4.10
CA PRO C 206 -8.39 12.48 3.41
C PRO C 206 -8.23 13.74 4.27
N GLU C 207 -8.41 13.68 5.59
CA GLU C 207 -8.28 14.87 6.42
C GLU C 207 -6.86 15.44 6.32
N LEU C 208 -6.77 16.74 6.06
CA LEU C 208 -5.49 17.38 5.76
C LEU C 208 -5.66 18.89 5.91
N GLN C 209 -4.69 19.55 6.53
CA GLN C 209 -4.72 21.00 6.65
C GLN C 209 -3.49 21.61 5.97
N LEU C 210 -3.73 22.58 5.10
CA LEU C 210 -2.66 23.33 4.46
C LEU C 210 -2.79 24.79 4.85
N ARG C 211 -1.65 25.43 5.11
CA ARG C 211 -1.62 26.84 5.47
C ARG C 211 -0.40 27.49 4.85
N PHE C 212 -0.54 28.77 4.50
CA PHE C 212 0.57 29.53 3.96
C PHE C 212 1.14 30.46 5.03
N LEU C 213 2.45 30.69 4.91
CA LEU C 213 3.16 31.61 5.80
C LEU C 213 4.03 32.53 4.96
N ARG C 214 4.02 33.81 5.32
CA ARG C 214 4.90 34.80 4.69
C ARG C 214 5.89 35.26 5.75
N ASN C 215 7.16 34.92 5.55
CA ASN C 215 8.23 35.19 6.51
C ASN C 215 7.86 34.70 7.92
N GLY C 216 7.25 33.52 7.98
CA GLY C 216 6.84 32.93 9.24
C GLY C 216 5.51 33.41 9.79
N LEU C 217 4.90 34.41 9.17
CA LEU C 217 3.66 34.98 9.65
C LEU C 217 2.47 34.42 8.86
N ALA C 218 1.34 34.25 9.54
CA ALA C 218 0.13 33.69 8.94
C ALA C 218 -0.25 34.46 7.68
N ALA C 219 -0.54 33.70 6.61
CA ALA C 219 -0.91 34.30 5.33
C ALA C 219 -2.17 33.67 4.74
N GLY C 220 -2.94 32.97 5.55
CA GLY C 220 -4.21 32.40 5.12
C GLY C 220 -4.09 30.97 4.62
N THR C 221 -5.24 30.38 4.35
CA THR C 221 -5.29 29.01 3.86
C THR C 221 -5.27 28.92 2.34
N GLY C 222 -5.62 30.00 1.64
CA GLY C 222 -5.74 29.96 0.19
C GLY C 222 -7.02 29.28 -0.26
N GLN C 223 -7.16 29.17 -1.57
CA GLN C 223 -8.31 28.53 -2.20
C GLN C 223 -7.88 27.17 -2.72
N GLY C 224 -8.68 26.15 -2.44
CA GLY C 224 -8.18 24.78 -2.50
C GLY C 224 -9.15 23.83 -3.19
N ASP C 225 -8.60 22.67 -3.52
CA ASP C 225 -9.30 21.62 -4.23
C ASP C 225 -8.81 20.28 -3.70
N PHE C 226 -9.65 19.27 -3.85
CA PHE C 226 -9.44 17.99 -3.19
C PHE C 226 -10.03 16.91 -4.07
N GLY C 227 -9.35 15.77 -4.19
CA GLY C 227 -9.84 14.68 -5.02
C GLY C 227 -9.15 13.36 -4.78
N PRO C 228 -9.75 12.26 -5.26
CA PRO C 228 -9.14 10.93 -5.10
C PRO C 228 -8.17 10.56 -6.21
N ASN C 229 -7.33 9.59 -5.89
CA ASN C 229 -6.55 8.84 -6.86
C ASN C 229 -7.21 7.50 -7.10
N SER C 230 -6.74 6.78 -8.12
CA SER C 230 -7.37 5.52 -8.52
C SER C 230 -7.34 4.46 -7.43
N ASP C 231 -6.39 4.52 -6.49
CA ASP C 231 -6.29 3.50 -5.45
C ASP C 231 -7.02 3.87 -4.15
N GLY C 232 -7.82 4.94 -4.14
CA GLY C 232 -8.46 5.36 -2.92
C GLY C 232 -7.66 6.31 -2.05
N SER C 233 -6.39 6.55 -2.37
CA SER C 233 -5.67 7.67 -1.77
C SER C 233 -6.19 8.99 -2.34
N PHE C 234 -5.61 10.10 -1.88
CA PHE C 234 -6.17 11.41 -2.19
C PHE C 234 -5.08 12.39 -2.60
N HIS C 235 -5.56 13.49 -3.17
CA HIS C 235 -4.76 14.57 -3.69
C HIS C 235 -5.42 15.85 -3.22
N ALA C 236 -4.62 16.85 -2.87
CA ALA C 236 -5.17 18.16 -2.53
C ALA C 236 -4.20 19.23 -2.96
N SER C 237 -4.73 20.43 -3.18
CA SER C 237 -3.88 21.58 -3.42
C SER C 237 -4.59 22.81 -2.91
N SER C 238 -3.82 23.79 -2.46
CA SER C 238 -4.34 25.10 -2.13
C SER C 238 -3.45 26.16 -2.77
N SER C 239 -4.08 27.21 -3.29
CA SER C 239 -3.36 28.21 -4.06
C SER C 239 -3.59 29.59 -3.47
N LEU C 240 -2.58 30.46 -3.62
CA LEU C 240 -2.58 31.79 -3.02
C LEU C 240 -2.06 32.79 -4.04
N THR C 241 -2.74 33.93 -4.15
CA THR C 241 -2.26 35.02 -5.00
C THR C 241 -1.27 35.86 -4.22
N VAL C 242 -0.07 36.05 -4.79
CA VAL C 242 0.98 36.82 -4.13
C VAL C 242 1.52 37.87 -5.08
N LYS C 243 2.17 38.88 -4.52
CA LYS C 243 2.81 39.89 -5.34
C LYS C 243 3.98 39.26 -6.10
N SER C 244 4.09 39.60 -7.38
CA SER C 244 5.19 39.10 -8.19
C SER C 244 6.53 39.53 -7.60
N GLY C 245 7.49 38.61 -7.61
CA GLY C 245 8.78 38.85 -6.99
C GLY C 245 8.81 38.67 -5.49
N ASP C 246 7.69 38.35 -4.87
CA ASP C 246 7.62 38.13 -3.43
C ASP C 246 7.44 36.66 -3.07
N GLU C 247 7.56 35.76 -4.06
CA GLU C 247 7.27 34.35 -3.85
C GLU C 247 8.21 33.72 -2.84
N HIS C 248 9.50 34.06 -2.92
CA HIS C 248 10.51 33.42 -2.07
C HIS C 248 10.32 33.73 -0.59
N HIS C 249 9.38 34.62 -0.23
CA HIS C 249 9.11 34.88 1.17
C HIS C 249 8.08 33.91 1.76
N TYR C 250 7.46 33.09 0.93
CA TYR C 250 6.37 32.24 1.38
C TYR C 250 6.83 30.80 1.56
N CYS C 251 6.15 30.11 2.50
CA CYS C 251 6.23 28.67 2.61
C CYS C 251 4.81 28.17 2.87
N CYS C 252 4.66 26.85 2.88
CA CYS C 252 3.41 26.19 3.20
CA CYS C 252 3.40 26.25 3.28
C CYS C 252 3.64 25.18 4.33
N ILE C 253 2.65 25.00 5.19
CA ILE C 253 2.69 24.05 6.30
C ILE C 253 1.58 23.03 6.10
N VAL C 254 1.92 21.75 6.23
CA VAL C 254 0.96 20.68 6.07
C VAL C 254 0.83 19.91 7.39
N GLN C 255 -0.40 19.58 7.76
CA GLN C 255 -0.71 18.69 8.87
C GLN C 255 -1.50 17.51 8.34
N HIS C 256 -1.03 16.30 8.64
CA HIS C 256 -1.67 15.07 8.20
C HIS C 256 -1.29 13.95 9.17
N ALA C 257 -2.21 12.99 9.33
CA ALA C 257 -2.02 11.92 10.29
C ALA C 257 -0.82 11.03 9.96
N GLY C 258 -0.37 11.01 8.71
CA GLY C 258 0.81 10.22 8.36
C GLY C 258 2.14 10.81 8.79
N LEU C 259 2.13 12.09 9.18
CA LEU C 259 3.28 12.83 9.70
C LEU C 259 3.17 12.95 11.22
N ALA C 260 4.31 12.93 11.91
CA ALA C 260 4.28 13.06 13.37
C ALA C 260 4.04 14.48 13.84
N GLN C 261 4.32 15.49 13.02
CA GLN C 261 4.04 16.87 13.39
C GLN C 261 3.92 17.70 12.11
N PRO C 262 3.50 18.96 12.22
CA PRO C 262 3.38 19.79 11.01
C PRO C 262 4.69 19.86 10.25
N LEU C 263 4.58 19.87 8.92
CA LEU C 263 5.73 19.86 8.05
C LEU C 263 5.78 21.15 7.22
N ARG C 264 6.93 21.84 7.29
CA ARG C 264 7.15 23.07 6.53
C ARG C 264 7.65 22.73 5.13
N VAL C 265 7.01 23.32 4.12
CA VAL C 265 7.29 23.04 2.71
C VAL C 265 7.80 24.32 2.08
N GLU C 266 8.98 24.26 1.48
CA GLU C 266 9.62 25.44 0.89
C GLU C 266 9.44 25.49 -0.62
N LEU C 267 9.59 26.69 -1.17
CA LEU C 267 9.40 26.91 -2.59
C LEU C 267 10.41 26.08 -3.40
N GLU C 268 9.94 25.51 -4.50
CA GLU C 268 10.80 24.70 -5.37
C GLU C 268 11.85 25.56 -6.08
N ILE D 1 -33.19 18.14 -10.67
CA ILE D 1 -32.31 19.31 -10.76
C ILE D 1 -31.06 18.93 -11.55
N GLN D 2 -30.47 19.91 -12.22
CA GLN D 2 -29.20 19.73 -12.92
C GLN D 2 -28.12 20.51 -12.19
N ARG D 3 -26.91 19.95 -12.16
CA ARG D 3 -25.75 20.61 -11.55
C ARG D 3 -24.56 20.44 -12.47
N THR D 4 -23.87 21.52 -12.72
CA THR D 4 -22.76 21.47 -13.65
C THR D 4 -21.52 20.90 -12.95
N PRO D 5 -20.69 20.15 -13.66
CA PRO D 5 -19.56 19.48 -13.01
C PRO D 5 -18.43 20.43 -12.66
N LYS D 6 -17.67 20.04 -11.65
CA LYS D 6 -16.39 20.65 -11.34
C LYS D 6 -15.32 19.72 -11.88
N ILE D 7 -14.26 20.29 -12.47
CA ILE D 7 -13.24 19.51 -13.18
C ILE D 7 -11.88 19.80 -12.59
N GLN D 8 -11.20 18.77 -12.13
CA GLN D 8 -9.83 18.87 -11.63
C GLN D 8 -8.91 17.94 -12.41
N VAL D 9 -7.69 18.37 -12.65
CA VAL D 9 -6.70 17.57 -13.36
C VAL D 9 -5.40 17.62 -12.56
N TYR D 10 -4.89 16.46 -12.18
CA TYR D 10 -3.68 16.39 -11.36
C TYR D 10 -3.05 15.02 -11.54
N SER D 11 -1.74 14.95 -11.29
CA SER D 11 -1.06 13.67 -11.33
C SER D 11 -1.16 12.97 -9.97
N ARG D 12 -0.96 11.65 -10.00
CA ARG D 12 -1.02 10.85 -8.77
C ARG D 12 0.17 11.14 -7.86
N HIS D 13 1.35 11.25 -8.44
CA HIS D 13 2.57 11.62 -7.75
C HIS D 13 3.12 12.90 -8.35
N PRO D 14 4.00 13.60 -7.65
CA PRO D 14 4.64 14.78 -8.25
C PRO D 14 5.22 14.46 -9.62
N ALA D 15 4.97 15.35 -10.59
CA ALA D 15 5.43 15.10 -11.94
C ALA D 15 6.95 15.25 -12.05
N GLU D 16 7.57 14.32 -12.78
CA GLU D 16 8.99 14.40 -13.12
C GLU D 16 9.17 13.83 -14.52
N ASN D 17 9.71 14.64 -15.43
CA ASN D 17 9.87 14.21 -16.82
C ASN D 17 10.62 12.90 -16.90
N GLY D 18 10.13 11.99 -17.73
CA GLY D 18 10.75 10.70 -17.92
C GLY D 18 10.40 9.65 -16.88
N LYS D 19 9.64 10.01 -15.85
CA LYS D 19 9.23 9.07 -14.81
C LYS D 19 7.76 8.68 -14.98
N SER D 20 7.49 7.38 -14.84
CA SER D 20 6.13 6.88 -14.97
C SER D 20 5.25 7.44 -13.85
N ASN D 21 3.98 7.65 -14.15
CA ASN D 21 3.06 8.34 -13.26
C ASN D 21 1.64 8.08 -13.75
N PHE D 22 0.66 8.62 -13.04
CA PHE D 22 -0.73 8.57 -13.48
C PHE D 22 -1.28 9.98 -13.58
N LEU D 23 -2.07 10.22 -14.61
CA LEU D 23 -2.75 11.50 -14.79
C LEU D 23 -4.23 11.29 -14.52
N ASN D 24 -4.79 12.14 -13.67
CA ASN D 24 -6.17 12.02 -13.23
C ASN D 24 -7.01 13.16 -13.78
N CYS D 25 -8.25 12.87 -14.09
CA CYS D 25 -9.26 13.89 -14.31
C CYS D 25 -10.42 13.58 -13.39
N TYR D 26 -10.58 14.38 -12.36
CA TYR D 26 -11.64 14.19 -11.38
C TYR D 26 -12.79 15.14 -11.69
N VAL D 27 -13.95 14.58 -11.98
CA VAL D 27 -15.15 15.33 -12.30
C VAL D 27 -16.15 15.09 -11.18
N SER D 28 -16.60 16.16 -10.53
CA SER D 28 -17.45 16.00 -9.36
C SER D 28 -18.56 17.03 -9.34
N GLY D 29 -19.55 16.77 -8.49
CA GLY D 29 -20.62 17.73 -8.24
C GLY D 29 -21.62 17.89 -9.35
N PHE D 30 -21.81 16.87 -10.20
CA PHE D 30 -22.70 17.04 -11.33
C PHE D 30 -23.98 16.23 -11.16
N HIS D 31 -24.97 16.56 -11.99
CA HIS D 31 -26.27 15.91 -11.99
C HIS D 31 -27.00 16.36 -13.26
N PRO D 32 -27.59 15.44 -14.04
CA PRO D 32 -27.64 13.99 -13.81
C PRO D 32 -26.32 13.28 -14.06
N SER D 33 -26.32 11.95 -13.96
CA SER D 33 -25.08 11.19 -13.86
C SER D 33 -24.44 10.90 -15.22
N ASP D 34 -25.18 10.97 -16.31
CA ASP D 34 -24.58 10.77 -17.63
C ASP D 34 -23.53 11.86 -17.87
N ILE D 35 -22.30 11.44 -18.20
CA ILE D 35 -21.23 12.38 -18.46
C ILE D 35 -20.24 11.73 -19.42
N GLU D 36 -19.53 12.57 -20.19
CA GLU D 36 -18.51 12.12 -21.12
C GLU D 36 -17.19 12.81 -20.75
N VAL D 37 -16.12 12.03 -20.61
CA VAL D 37 -14.82 12.53 -20.21
C VAL D 37 -13.75 11.95 -21.12
N ASP D 38 -12.91 12.80 -21.68
CA ASP D 38 -11.76 12.34 -22.45
C ASP D 38 -10.50 13.04 -21.93
N LEU D 39 -9.43 12.26 -21.79
CA LEU D 39 -8.11 12.80 -21.48
C LEU D 39 -7.35 13.03 -22.78
N LEU D 40 -6.75 14.21 -22.92
CA LEU D 40 -6.08 14.61 -24.16
C LEU D 40 -4.57 14.74 -23.96
N LYS D 41 -3.81 14.30 -24.96
CA LYS D 41 -2.36 14.49 -25.00
C LYS D 41 -2.04 15.32 -26.24
N ASN D 42 -1.62 16.56 -26.03
CA ASN D 42 -1.33 17.49 -27.13
C ASN D 42 -2.54 17.61 -28.05
N GLY D 43 -3.73 17.65 -27.45
CA GLY D 43 -4.97 17.82 -28.18
C GLY D 43 -5.59 16.54 -28.69
N GLU D 44 -4.83 15.46 -28.79
CA GLU D 44 -5.36 14.19 -29.28
C GLU D 44 -5.89 13.36 -28.13
N ARG D 45 -6.92 12.58 -28.41
CA ARG D 45 -7.55 11.74 -27.40
C ARG D 45 -6.64 10.58 -27.03
N ILE D 46 -6.53 10.32 -25.72
CA ILE D 46 -5.75 9.19 -25.22
C ILE D 46 -6.62 7.95 -25.21
N GLU D 47 -6.08 6.85 -25.75
CA GLU D 47 -6.89 5.65 -25.95
C GLU D 47 -7.00 4.81 -24.69
N LYS D 48 -5.88 4.58 -23.99
CA LYS D 48 -5.86 3.69 -22.84
C LYS D 48 -6.15 4.50 -21.57
N VAL D 49 -7.43 4.71 -21.32
CA VAL D 49 -7.90 5.46 -20.16
C VAL D 49 -8.90 4.60 -19.40
N GLU D 50 -8.70 4.49 -18.08
CA GLU D 50 -9.60 3.77 -17.19
C GLU D 50 -10.35 4.76 -16.32
N HIS D 51 -11.41 4.30 -15.66
CA HIS D 51 -12.15 5.17 -14.76
C HIS D 51 -12.71 4.38 -13.60
N SER D 52 -13.01 5.11 -12.51
CA SER D 52 -13.55 4.54 -11.30
C SER D 52 -15.05 4.33 -11.44
N ASP D 53 -15.66 3.79 -10.39
CA ASP D 53 -17.11 3.69 -10.31
C ASP D 53 -17.73 5.06 -10.13
N LEU D 54 -18.81 5.30 -10.86
CA LEU D 54 -19.66 6.45 -10.61
C LEU D 54 -20.24 6.37 -9.20
N SER D 55 -19.92 7.35 -8.36
CA SER D 55 -20.43 7.41 -6.98
C SER D 55 -20.99 8.81 -6.73
N PHE D 56 -21.46 9.06 -5.51
CA PHE D 56 -22.02 10.38 -5.23
C PHE D 56 -21.73 10.78 -3.80
N SER D 57 -21.85 12.08 -3.56
CA SER D 57 -21.50 12.69 -2.28
C SER D 57 -22.75 12.87 -1.41
N LYS D 58 -22.53 13.38 -0.20
CA LYS D 58 -23.62 13.58 0.75
C LYS D 58 -24.73 14.45 0.16
N ASP D 59 -24.38 15.40 -0.71
CA ASP D 59 -25.39 16.25 -1.34
C ASP D 59 -25.99 15.63 -2.59
N TRP D 60 -25.79 14.33 -2.81
CA TRP D 60 -26.36 13.52 -3.89
C TRP D 60 -25.72 13.79 -5.26
N SER D 61 -24.80 14.75 -5.37
CA SER D 61 -24.15 15.04 -6.64
C SER D 61 -23.15 13.94 -6.97
N PHE D 62 -23.01 13.63 -8.26
CA PHE D 62 -22.19 12.53 -8.73
C PHE D 62 -20.73 12.94 -8.87
N TYR D 63 -19.85 11.94 -8.81
CA TYR D 63 -18.44 12.16 -9.06
C TYR D 63 -17.81 10.91 -9.66
N LEU D 64 -16.71 11.14 -10.37
CA LEU D 64 -16.10 10.13 -11.24
C LEU D 64 -14.65 10.51 -11.46
N LEU D 65 -13.76 9.51 -11.37
CA LEU D 65 -12.34 9.71 -11.60
C LEU D 65 -11.92 8.97 -12.87
N TYR D 66 -11.37 9.70 -13.83
CA TYR D 66 -10.70 9.12 -14.99
C TYR D 66 -9.20 9.23 -14.81
N TYR D 67 -8.47 8.19 -15.27
CA TYR D 67 -7.02 8.17 -15.07
C TYR D 67 -6.34 7.33 -16.14
N THR D 68 -5.06 7.63 -16.35
CA THR D 68 -4.25 6.89 -17.30
C THR D 68 -2.79 6.92 -16.87
N GLU D 69 -2.08 5.83 -17.14
CA GLU D 69 -0.64 5.78 -16.91
C GLU D 69 0.06 6.58 -17.99
N PHE D 70 0.99 7.44 -17.59
CA PHE D 70 1.68 8.27 -18.57
C PHE D 70 3.06 8.63 -18.04
N THR D 71 3.91 9.08 -18.96
CA THR D 71 5.22 9.60 -18.60
C THR D 71 5.33 11.02 -19.11
N PRO D 72 5.24 12.02 -18.22
CA PRO D 72 5.32 13.41 -18.65
C PRO D 72 6.69 13.74 -19.22
N THR D 73 6.70 14.77 -20.07
CA THR D 73 7.92 15.37 -20.60
C THR D 73 7.74 16.88 -20.57
N GLU D 74 8.81 17.59 -20.93
CA GLU D 74 8.74 19.05 -20.97
C GLU D 74 7.72 19.52 -22.00
N LYS D 75 7.81 18.99 -23.22
CA LYS D 75 7.01 19.52 -24.33
C LYS D 75 5.56 19.05 -24.30
N ASP D 76 5.27 17.93 -23.64
CA ASP D 76 3.94 17.33 -23.74
C ASP D 76 2.91 18.13 -22.95
N GLU D 77 1.74 18.31 -23.56
CA GLU D 77 0.63 19.05 -22.98
C GLU D 77 -0.55 18.10 -22.77
N TYR D 78 -1.17 18.15 -21.59
CA TYR D 78 -2.27 17.26 -21.28
C TYR D 78 -3.48 18.08 -20.83
N ALA D 79 -4.66 17.49 -21.01
CA ALA D 79 -5.91 18.18 -20.71
C ALA D 79 -7.01 17.16 -20.55
N CYS D 80 -8.08 17.59 -19.87
CA CYS D 80 -9.31 16.82 -19.72
C CYS D 80 -10.45 17.58 -20.41
N ARG D 81 -11.21 16.86 -21.24
CA ARG D 81 -12.35 17.42 -21.97
C ARG D 81 -13.63 16.74 -21.50
N VAL D 82 -14.60 17.53 -21.04
CA VAL D 82 -15.81 17.04 -20.39
C VAL D 82 -17.02 17.58 -21.14
N ASN D 83 -18.03 16.73 -21.31
CA ASN D 83 -19.31 17.14 -21.88
C ASN D 83 -20.42 16.65 -20.96
N HIS D 84 -21.42 17.49 -20.76
CA HIS D 84 -22.51 17.26 -19.82
C HIS D 84 -23.70 18.10 -20.28
N VAL D 85 -24.91 17.67 -19.91
CA VAL D 85 -26.11 18.34 -20.42
C VAL D 85 -26.13 19.80 -19.99
N THR D 86 -25.51 20.12 -18.86
CA THR D 86 -25.44 21.48 -18.36
C THR D 86 -24.46 22.36 -19.14
N LEU D 87 -23.71 21.79 -20.08
CA LEU D 87 -22.61 22.48 -20.74
C LEU D 87 -22.98 22.81 -22.18
N SER D 88 -22.98 24.09 -22.52
CA SER D 88 -23.29 24.52 -23.88
C SER D 88 -22.28 23.99 -24.88
N GLN D 89 -21.03 23.86 -24.47
CA GLN D 89 -19.97 23.26 -25.28
C GLN D 89 -19.10 22.44 -24.34
N PRO D 90 -18.38 21.45 -24.87
CA PRO D 90 -17.45 20.71 -24.02
C PRO D 90 -16.46 21.64 -23.33
N LYS D 91 -16.21 21.37 -22.06
CA LYS D 91 -15.28 22.16 -21.24
C LYS D 91 -13.94 21.44 -21.21
N ILE D 92 -12.88 22.16 -21.60
CA ILE D 92 -11.54 21.61 -21.63
C ILE D 92 -10.72 22.27 -20.53
N VAL D 93 -10.12 21.44 -19.67
CA VAL D 93 -9.31 21.90 -18.56
C VAL D 93 -7.89 21.35 -18.75
N LYS D 94 -6.93 22.25 -18.88
CA LYS D 94 -5.54 21.85 -19.08
C LYS D 94 -4.90 21.39 -17.78
N TRP D 95 -4.02 20.40 -17.87
CA TRP D 95 -3.26 19.96 -16.70
C TRP D 95 -2.26 21.02 -16.29
N ASP D 96 -2.42 21.56 -15.08
CA ASP D 96 -1.45 22.46 -14.48
C ASP D 96 -0.56 21.64 -13.56
N ARG D 97 0.70 21.46 -13.95
CA ARG D 97 1.58 20.52 -13.25
C ARG D 97 1.81 20.90 -11.79
N ASP D 98 1.62 22.18 -11.43
CA ASP D 98 1.72 22.58 -10.02
C ASP D 98 0.58 22.03 -9.19
N MET D 99 -0.58 21.80 -9.78
CA MET D 99 -1.78 21.41 -9.03
C MET D 99 -1.75 19.97 -8.54
C1 GOL E . 29.32 -2.85 18.83
O1 GOL E . 27.98 -2.89 18.40
C2 GOL E . 29.55 -1.49 19.50
O2 GOL E . 30.77 -1.51 20.19
C3 GOL E . 28.41 -1.23 20.47
O3 GOL E . 28.74 -0.11 21.26
C1 GOL F . 7.59 -25.03 -2.13
O1 GOL F . 6.59 -24.04 -2.42
C2 GOL F . 8.16 -24.86 -0.72
O2 GOL F . 9.15 -25.84 -0.45
C3 GOL F . 8.82 -23.51 -0.63
O3 GOL F . 8.36 -22.79 0.48
C1 GOL G . 22.27 -6.22 -5.03
O1 GOL G . 22.16 -7.59 -5.36
C2 GOL G . 23.71 -5.75 -5.16
O2 GOL G . 24.58 -6.82 -5.50
C3 GOL G . 23.77 -4.66 -6.22
O3 GOL G . 23.06 -3.53 -5.76
#